data_3JSI
#
_entry.id   3JSI
#
_cell.length_a   104.099
_cell.length_b   104.099
_cell.length_c   271.040
_cell.angle_alpha   90.00
_cell.angle_beta   90.00
_cell.angle_gamma   90.00
#
_symmetry.space_group_name_H-M   'P 41 21 2'
#
loop_
_entity.id
_entity.type
_entity.pdbx_description
1 polymer "High affinity cGMP-specific 3',5'-cyclic phosphodiesterase 9A"
2 non-polymer 'ZINC ION'
3 non-polymer 'MAGNESIUM ION'
4 non-polymer 6-benzyl-1-cyclopentyl-1,5-dihydro-4H-pyrazolo[3,4-d]pyrimidin-4-one
5 water water
#
_entity_poly.entity_id   1
_entity_poly.type   'polypeptide(L)'
_entity_poly.pdbx_seq_one_letter_code
;GSHMTYPKYLLSPETIEALRKPTFDVWLWEPNEMLSCLEHMYHDLGLVRDFSINPVTLRRWLFCVHDNYRNNPFHNFRHC
FCVAQMMYSMVWLCSLQEKFSQTDILILMTAAICHDLDHPGYNNTYQINARTELAVRYNDISPLENHHCAVAFQILAEPE
CNIFSNIPPDGFKQIRQGMITLILATDMARHAEIMDSFKEKMENFDYSNEEHMTLLKMILIKCCDISNEVRPMEVAEPWV
DCLLEEYFMQSDREKSEGLPVAPFMDRDKVTKATAQIGFIKFVLIPMFETVTKLFPMVEEIMLQPLWESRDRYEELKRID
DAMKELQKK
;
_entity_poly.pdbx_strand_id   A,B
#
# COMPACT_ATOMS: atom_id res chain seq x y z
N GLY A 1 -45.30 5.12 -23.09
CA GLY A 1 -46.46 5.01 -23.96
C GLY A 1 -46.12 4.63 -25.39
N SER A 2 -45.20 3.66 -25.55
CA SER A 2 -44.69 3.14 -26.83
C SER A 2 -45.75 2.38 -27.65
N HIS A 3 -45.66 2.46 -29.00
CA HIS A 3 -46.57 1.80 -29.95
C HIS A 3 -46.44 0.26 -30.00
N MET A 4 -45.29 -0.27 -29.52
CA MET A 4 -44.99 -1.71 -29.50
C MET A 4 -44.14 -2.12 -28.28
N THR A 5 -44.09 -3.43 -27.99
CA THR A 5 -43.33 -3.99 -26.87
C THR A 5 -41.87 -4.21 -27.29
N TYR A 6 -40.94 -3.60 -26.56
CA TYR A 6 -39.50 -3.70 -26.81
C TYR A 6 -38.83 -4.61 -25.75
N PRO A 7 -37.67 -5.24 -26.06
CA PRO A 7 -37.01 -6.08 -25.05
C PRO A 7 -36.52 -5.32 -23.83
N LYS A 8 -36.26 -6.05 -22.73
CA LYS A 8 -35.82 -5.50 -21.46
C LYS A 8 -34.50 -4.72 -21.56
N TYR A 9 -33.55 -5.21 -22.40
CA TYR A 9 -32.23 -4.56 -22.59
C TYR A 9 -32.32 -3.21 -23.29
N LEU A 10 -33.41 -2.97 -24.07
CA LEU A 10 -33.66 -1.70 -24.74
C LEU A 10 -34.43 -0.83 -23.74
N LEU A 11 -33.69 0.00 -22.99
CA LEU A 11 -34.22 0.89 -21.95
C LEU A 11 -35.26 1.85 -22.50
N SER A 12 -36.40 1.99 -21.81
CA SER A 12 -37.49 2.88 -22.20
C SER A 12 -37.07 4.35 -21.98
N PRO A 13 -37.61 5.35 -22.73
CA PRO A 13 -37.20 6.75 -22.50
C PRO A 13 -37.40 7.19 -21.05
N GLU A 14 -38.42 6.60 -20.39
CA GLU A 14 -38.80 6.81 -18.99
C GLU A 14 -37.68 6.35 -18.06
N THR A 15 -37.10 5.15 -18.31
CA THR A 15 -35.99 4.57 -17.54
C THR A 15 -34.75 5.46 -17.64
N ILE A 16 -34.39 5.88 -18.88
CA ILE A 16 -33.26 6.77 -19.19
C ILE A 16 -33.37 8.08 -18.39
N GLU A 17 -34.59 8.65 -18.32
CA GLU A 17 -34.91 9.87 -17.60
C GLU A 17 -34.78 9.66 -16.07
N ALA A 18 -35.39 8.57 -15.54
CA ALA A 18 -35.40 8.19 -14.12
C ALA A 18 -34.01 7.93 -13.55
N LEU A 19 -33.10 7.43 -14.40
CA LEU A 19 -31.71 7.08 -14.10
C LEU A 19 -30.88 8.26 -13.58
N ARG A 20 -31.25 9.50 -13.95
CA ARG A 20 -30.56 10.74 -13.55
C ARG A 20 -30.89 11.18 -12.11
N LYS A 21 -31.91 10.57 -11.50
CA LYS A 21 -32.37 10.90 -10.15
C LYS A 21 -32.03 9.82 -9.11
N PRO A 22 -31.75 10.21 -7.82
CA PRO A 22 -31.42 9.19 -6.80
C PRO A 22 -32.62 8.39 -6.30
N THR A 23 -33.81 8.69 -6.85
CA THR A 23 -35.10 8.04 -6.53
C THR A 23 -35.24 6.70 -7.29
N PHE A 24 -34.33 6.45 -8.25
CA PHE A 24 -34.28 5.27 -9.12
C PHE A 24 -34.31 3.94 -8.36
N ASP A 25 -35.33 3.09 -8.63
CA ASP A 25 -35.43 1.78 -7.98
C ASP A 25 -34.45 0.78 -8.58
N VAL A 26 -33.29 0.65 -7.90
CA VAL A 26 -32.17 -0.22 -8.26
C VAL A 26 -32.52 -1.72 -8.21
N TRP A 27 -33.66 -2.06 -7.59
CA TRP A 27 -34.14 -3.43 -7.40
C TRP A 27 -34.96 -3.98 -8.56
N LEU A 28 -35.56 -3.10 -9.37
CA LEU A 28 -36.43 -3.50 -10.50
C LEU A 28 -35.69 -4.07 -11.70
N TRP A 29 -34.34 -4.01 -11.71
CA TRP A 29 -33.58 -4.41 -12.88
C TRP A 29 -32.67 -5.61 -12.73
N GLU A 30 -32.60 -6.42 -13.80
CA GLU A 30 -31.74 -7.60 -13.90
C GLU A 30 -30.35 -7.14 -14.37
N PRO A 31 -29.27 -7.95 -14.17
CA PRO A 31 -27.92 -7.50 -14.57
C PRO A 31 -27.78 -6.88 -15.97
N ASN A 32 -28.32 -7.53 -17.01
CA ASN A 32 -28.27 -7.06 -18.41
C ASN A 32 -28.91 -5.67 -18.58
N GLU A 33 -30.00 -5.38 -17.82
CA GLU A 33 -30.69 -4.10 -17.83
C GLU A 33 -29.82 -3.04 -17.13
N MET A 34 -29.20 -3.43 -15.98
CA MET A 34 -28.29 -2.59 -15.19
C MET A 34 -27.05 -2.25 -15.99
N LEU A 35 -26.56 -3.22 -16.80
CA LEU A 35 -25.40 -3.06 -17.67
C LEU A 35 -25.71 -2.06 -18.79
N SER A 36 -26.95 -2.07 -19.32
CA SER A 36 -27.41 -1.15 -20.36
C SER A 36 -27.47 0.27 -19.80
N CYS A 37 -27.86 0.40 -18.50
CA CYS A 37 -27.94 1.67 -17.78
C CYS A 37 -26.56 2.29 -17.67
N LEU A 38 -25.56 1.49 -17.24
CA LEU A 38 -24.17 1.90 -17.09
C LEU A 38 -23.57 2.36 -18.43
N GLU A 39 -23.94 1.66 -19.52
CA GLU A 39 -23.53 1.96 -20.89
C GLU A 39 -24.05 3.33 -21.30
N HIS A 40 -25.36 3.58 -21.02
CA HIS A 40 -26.02 4.85 -21.33
C HIS A 40 -25.32 6.00 -20.62
N MET A 41 -24.92 5.80 -19.34
CA MET A 41 -24.23 6.80 -18.53
C MET A 41 -22.97 7.29 -19.24
N TYR A 42 -22.14 6.36 -19.73
CA TYR A 42 -20.88 6.66 -20.43
C TYR A 42 -21.07 7.44 -21.71
N HIS A 43 -22.18 7.16 -22.40
CA HIS A 43 -22.53 7.87 -23.63
C HIS A 43 -23.06 9.25 -23.29
N ASP A 44 -24.07 9.33 -22.40
CA ASP A 44 -24.74 10.56 -21.96
C ASP A 44 -23.80 11.60 -21.34
N LEU A 45 -22.82 11.14 -20.55
CA LEU A 45 -21.83 12.02 -19.91
C LEU A 45 -20.76 12.53 -20.89
N GLY A 46 -20.84 12.07 -22.14
CA GLY A 46 -19.94 12.44 -23.22
C GLY A 46 -18.57 11.81 -23.12
N LEU A 47 -18.45 10.76 -22.28
CA LEU A 47 -17.20 10.05 -22.04
C LEU A 47 -16.80 9.20 -23.25
N VAL A 48 -17.78 8.56 -23.93
CA VAL A 48 -17.53 7.77 -25.15
C VAL A 48 -16.97 8.70 -26.24
N ARG A 49 -17.59 9.89 -26.37
CA ARG A 49 -17.24 10.93 -27.34
C ARG A 49 -15.85 11.52 -27.08
N ASP A 50 -15.66 12.13 -25.90
CA ASP A 50 -14.43 12.82 -25.49
C ASP A 50 -13.19 11.94 -25.31
N PHE A 51 -13.39 10.63 -25.03
CA PHE A 51 -12.26 9.71 -24.83
C PHE A 51 -12.15 8.64 -25.92
N SER A 52 -12.90 8.83 -27.05
CA SER A 52 -12.91 7.94 -28.22
C SER A 52 -13.06 6.45 -27.83
N ILE A 53 -13.93 6.17 -26.84
CA ILE A 53 -14.20 4.80 -26.34
C ILE A 53 -14.94 4.02 -27.43
N ASN A 54 -14.43 2.83 -27.79
CA ASN A 54 -15.09 1.98 -28.78
C ASN A 54 -16.38 1.43 -28.13
N PRO A 55 -17.57 1.70 -28.75
CA PRO A 55 -18.84 1.28 -28.13
C PRO A 55 -18.99 -0.21 -27.83
N VAL A 56 -18.36 -1.08 -28.63
CA VAL A 56 -18.40 -2.53 -28.41
C VAL A 56 -17.48 -2.88 -27.23
N THR A 57 -16.31 -2.21 -27.15
CA THR A 57 -15.31 -2.36 -26.08
C THR A 57 -15.92 -1.90 -24.76
N LEU A 58 -16.78 -0.85 -24.77
CA LEU A 58 -17.46 -0.35 -23.58
C LEU A 58 -18.36 -1.45 -22.99
N ARG A 59 -19.17 -2.09 -23.85
CA ARG A 59 -20.10 -3.17 -23.52
C ARG A 59 -19.34 -4.42 -23.04
N ARG A 60 -18.24 -4.77 -23.74
CA ARG A 60 -17.36 -5.90 -23.44
C ARG A 60 -16.73 -5.72 -22.07
N TRP A 61 -16.25 -4.49 -21.76
CA TRP A 61 -15.63 -4.11 -20.49
C TRP A 61 -16.63 -4.22 -19.34
N LEU A 62 -17.84 -3.65 -19.52
CA LEU A 62 -18.92 -3.70 -18.53
C LEU A 62 -19.31 -5.14 -18.21
N PHE A 63 -19.42 -6.00 -19.25
CA PHE A 63 -19.75 -7.41 -19.10
C PHE A 63 -18.70 -8.14 -18.27
N CYS A 64 -17.41 -7.82 -18.51
CA CYS A 64 -16.27 -8.40 -17.80
C CYS A 64 -16.26 -7.96 -16.34
N VAL A 65 -16.51 -6.66 -16.09
CA VAL A 65 -16.60 -6.06 -14.75
C VAL A 65 -17.68 -6.81 -13.95
N HIS A 66 -18.85 -7.03 -14.57
CA HIS A 66 -19.97 -7.77 -13.98
C HIS A 66 -19.56 -9.20 -13.61
N ASP A 67 -18.83 -9.89 -14.52
CA ASP A 67 -18.38 -11.27 -14.29
C ASP A 67 -17.42 -11.33 -13.09
N ASN A 68 -16.59 -10.28 -12.93
CA ASN A 68 -15.62 -10.14 -11.86
C ASN A 68 -16.18 -9.72 -10.50
N TYR A 69 -17.50 -9.51 -10.42
CA TYR A 69 -18.17 -9.21 -9.15
C TYR A 69 -18.68 -10.55 -8.57
N ARG A 70 -18.66 -10.68 -7.23
CA ARG A 70 -19.09 -11.92 -6.56
C ARG A 70 -20.56 -11.85 -6.11
N ASN A 71 -21.21 -13.03 -5.97
CA ASN A 71 -22.61 -13.15 -5.53
C ASN A 71 -22.79 -13.07 -4.00
N ASN A 72 -22.18 -12.04 -3.40
CA ASN A 72 -22.22 -11.75 -1.96
C ASN A 72 -23.57 -11.12 -1.61
N PRO A 73 -24.04 -11.19 -0.34
CA PRO A 73 -25.34 -10.58 0.00
C PRO A 73 -25.36 -9.05 -0.18
N PHE A 74 -24.25 -8.35 0.14
CA PHE A 74 -24.14 -6.90 0.01
C PHE A 74 -23.16 -6.46 -1.08
N HIS A 75 -21.89 -6.90 -1.01
CA HIS A 75 -20.84 -6.52 -1.95
C HIS A 75 -20.89 -7.33 -3.25
N ASN A 76 -21.94 -7.04 -4.04
CA ASN A 76 -22.27 -7.66 -5.32
C ASN A 76 -22.33 -6.61 -6.43
N PHE A 77 -22.64 -7.04 -7.68
CA PHE A 77 -22.75 -6.14 -8.82
C PHE A 77 -23.82 -5.06 -8.62
N ARG A 78 -24.97 -5.40 -8.01
CA ARG A 78 -26.06 -4.45 -7.75
C ARG A 78 -25.59 -3.27 -6.88
N HIS A 79 -24.68 -3.53 -5.91
CA HIS A 79 -24.11 -2.49 -5.06
C HIS A 79 -23.27 -1.54 -5.92
N CYS A 80 -22.41 -2.11 -6.77
CA CYS A 80 -21.57 -1.35 -7.70
C CYS A 80 -22.44 -0.47 -8.60
N PHE A 81 -23.62 -1.00 -9.02
CA PHE A 81 -24.61 -0.28 -9.82
C PHE A 81 -25.15 0.93 -9.06
N CYS A 82 -25.48 0.78 -7.76
CA CYS A 82 -25.98 1.86 -6.89
C CYS A 82 -25.00 3.00 -6.84
N VAL A 83 -23.73 2.69 -6.48
CA VAL A 83 -22.63 3.63 -6.34
C VAL A 83 -22.45 4.46 -7.64
N ALA A 84 -22.37 3.76 -8.79
CA ALA A 84 -22.24 4.37 -10.11
C ALA A 84 -23.46 5.23 -10.46
N GLN A 85 -24.68 4.71 -10.19
CA GLN A 85 -25.94 5.41 -10.44
C GLN A 85 -26.07 6.66 -9.56
N MET A 86 -25.61 6.57 -8.29
CA MET A 86 -25.63 7.70 -7.36
C MET A 86 -24.62 8.75 -7.82
N MET A 87 -23.46 8.29 -8.34
CA MET A 87 -22.42 9.16 -8.88
C MET A 87 -23.00 9.93 -10.06
N TYR A 88 -23.67 9.20 -10.98
CA TYR A 88 -24.36 9.73 -12.15
C TYR A 88 -25.41 10.77 -11.72
N SER A 89 -26.20 10.46 -10.66
CA SER A 89 -27.22 11.33 -10.07
C SER A 89 -26.62 12.62 -9.53
N MET A 90 -25.44 12.51 -8.89
CA MET A 90 -24.74 13.65 -8.31
C MET A 90 -24.07 14.55 -9.34
N VAL A 91 -23.72 14.00 -10.52
CA VAL A 91 -23.13 14.78 -11.62
C VAL A 91 -24.16 15.80 -12.12
N TRP A 92 -25.45 15.39 -12.15
CA TRP A 92 -26.56 16.24 -12.59
C TRP A 92 -27.01 17.19 -11.50
N LEU A 93 -27.25 16.66 -10.28
CA LEU A 93 -27.70 17.43 -9.12
C LEU A 93 -26.74 18.57 -8.79
N CYS A 94 -25.45 18.24 -8.57
CA CYS A 94 -24.41 19.21 -8.23
C CYS A 94 -23.84 19.98 -9.42
N SER A 95 -24.27 19.63 -10.66
CA SER A 95 -23.81 20.22 -11.93
C SER A 95 -22.28 20.12 -11.99
N LEU A 96 -21.76 18.91 -11.69
CA LEU A 96 -20.34 18.60 -11.63
C LEU A 96 -19.60 18.81 -12.95
N GLN A 97 -20.33 18.74 -14.09
CA GLN A 97 -19.81 18.94 -15.45
C GLN A 97 -19.22 20.35 -15.61
N GLU A 98 -19.70 21.31 -14.78
CA GLU A 98 -19.24 22.71 -14.76
C GLU A 98 -17.91 22.82 -14.01
N LYS A 99 -17.85 22.26 -12.78
CA LYS A 99 -16.68 22.31 -11.88
C LYS A 99 -15.55 21.36 -12.26
N PHE A 100 -15.87 20.12 -12.68
CA PHE A 100 -14.89 19.09 -13.04
C PHE A 100 -14.63 18.93 -14.53
N SER A 101 -13.43 18.42 -14.85
CA SER A 101 -13.01 18.11 -16.22
C SER A 101 -13.62 16.76 -16.60
N GLN A 102 -13.67 16.45 -17.91
CA GLN A 102 -14.21 15.17 -18.37
C GLN A 102 -13.35 14.00 -17.91
N THR A 103 -12.04 14.25 -17.70
CA THR A 103 -11.10 13.26 -17.19
C THR A 103 -11.49 12.91 -15.75
N ASP A 104 -11.82 13.94 -14.92
CA ASP A 104 -12.28 13.77 -13.54
C ASP A 104 -13.59 12.97 -13.52
N ILE A 105 -14.54 13.34 -14.40
CA ILE A 105 -15.84 12.67 -14.54
C ILE A 105 -15.62 11.19 -14.89
N LEU A 106 -14.70 10.92 -15.85
CA LEU A 106 -14.33 9.56 -16.25
C LEU A 106 -13.77 8.79 -15.05
N ILE A 107 -12.89 9.46 -14.26
CA ILE A 107 -12.28 8.87 -13.05
C ILE A 107 -13.36 8.50 -12.04
N LEU A 108 -14.25 9.47 -11.70
CA LEU A 108 -15.34 9.29 -10.73
C LEU A 108 -16.24 8.12 -11.10
N MET A 109 -16.62 8.02 -12.38
CA MET A 109 -17.49 6.97 -12.89
C MET A 109 -16.81 5.61 -12.95
N THR A 110 -15.61 5.51 -13.55
CA THR A 110 -14.87 4.26 -13.66
C THR A 110 -14.50 3.68 -12.29
N ALA A 111 -14.07 4.55 -11.36
CA ALA A 111 -13.73 4.12 -9.99
C ALA A 111 -14.96 3.62 -9.25
N ALA A 112 -16.13 4.30 -9.41
CA ALA A 112 -17.38 3.90 -8.77
C ALA A 112 -17.79 2.49 -9.17
N ILE A 113 -17.66 2.15 -10.46
CA ILE A 113 -17.99 0.84 -11.04
C ILE A 113 -17.03 -0.25 -10.55
N CYS A 114 -15.74 0.09 -10.45
CA CYS A 114 -14.67 -0.83 -10.08
C CYS A 114 -14.39 -1.02 -8.59
N HIS A 115 -14.71 -0.01 -7.76
CA HIS A 115 -14.44 0.07 -6.31
C HIS A 115 -14.53 -1.19 -5.44
N ASP A 116 -15.39 -2.18 -5.79
CA ASP A 116 -15.57 -3.41 -5.01
C ASP A 116 -15.37 -4.72 -5.79
N LEU A 117 -14.60 -4.69 -6.91
CA LEU A 117 -14.35 -5.86 -7.76
C LEU A 117 -13.74 -7.05 -7.01
N ASP A 118 -14.32 -8.24 -7.21
CA ASP A 118 -13.90 -9.51 -6.59
C ASP A 118 -13.84 -9.47 -5.05
N HIS A 119 -14.82 -8.78 -4.44
CA HIS A 119 -14.93 -8.68 -2.98
C HIS A 119 -15.30 -10.07 -2.45
N PRO A 120 -14.58 -10.59 -1.42
CA PRO A 120 -14.88 -11.94 -0.92
C PRO A 120 -16.06 -12.07 0.04
N GLY A 121 -16.59 -10.93 0.50
CA GLY A 121 -17.71 -10.88 1.44
C GLY A 121 -17.28 -10.88 2.89
N TYR A 122 -15.96 -10.72 3.14
CA TYR A 122 -15.34 -10.68 4.47
C TYR A 122 -14.39 -9.46 4.49
N ASN A 123 -14.68 -8.48 5.38
CA ASN A 123 -13.95 -7.21 5.51
C ASN A 123 -12.45 -7.30 5.84
N ASN A 124 -11.71 -6.17 5.66
CA ASN A 124 -10.27 -6.06 5.95
C ASN A 124 -9.91 -6.59 7.33
N THR A 125 -10.79 -6.34 8.34
CA THR A 125 -10.62 -6.80 9.72
C THR A 125 -10.49 -8.32 9.73
N TYR A 126 -11.36 -9.04 8.97
CA TYR A 126 -11.26 -10.50 8.87
C TYR A 126 -9.96 -10.89 8.20
N GLN A 127 -9.68 -10.31 7.02
CA GLN A 127 -8.48 -10.58 6.22
C GLN A 127 -7.19 -10.51 7.05
N ILE A 128 -7.03 -9.42 7.84
CA ILE A 128 -5.88 -9.18 8.71
C ILE A 128 -5.80 -10.21 9.85
N ASN A 129 -6.90 -10.38 10.62
CA ASN A 129 -6.98 -11.31 11.74
C ASN A 129 -6.75 -12.76 11.32
N ALA A 130 -7.41 -13.19 10.22
CA ALA A 130 -7.30 -14.54 9.68
C ALA A 130 -5.97 -14.80 8.95
N ARG A 131 -5.17 -13.73 8.75
CA ARG A 131 -3.85 -13.76 8.08
C ARG A 131 -3.98 -14.39 6.68
N THR A 132 -5.01 -13.92 5.94
CA THR A 132 -5.36 -14.37 4.59
C THR A 132 -4.27 -14.05 3.56
N GLU A 133 -4.37 -14.64 2.35
CA GLU A 133 -3.41 -14.39 1.28
C GLU A 133 -3.37 -12.92 0.90
N LEU A 134 -4.56 -12.27 0.85
CA LEU A 134 -4.70 -10.84 0.56
C LEU A 134 -4.01 -9.97 1.60
N ALA A 135 -4.17 -10.29 2.90
CA ALA A 135 -3.55 -9.53 3.98
C ALA A 135 -2.03 -9.63 3.93
N VAL A 136 -1.51 -10.86 3.66
CA VAL A 136 -0.07 -11.12 3.53
C VAL A 136 0.47 -10.46 2.25
N ARG A 137 -0.34 -10.42 1.16
CA ARG A 137 0.04 -9.81 -0.10
C ARG A 137 0.16 -8.29 0.06
N TYR A 138 -0.87 -7.66 0.65
CA TYR A 138 -0.92 -6.21 0.81
C TYR A 138 -0.39 -5.63 2.12
N ASN A 139 0.26 -6.48 2.93
CA ASN A 139 0.91 -6.13 4.21
C ASN A 139 -0.02 -5.39 5.19
N ASP A 140 -1.28 -5.87 5.31
CA ASP A 140 -2.35 -5.34 6.17
C ASP A 140 -2.79 -3.91 5.80
N ILE A 141 -2.27 -3.35 4.69
CA ILE A 141 -2.61 -1.99 4.20
C ILE A 141 -3.74 -2.11 3.19
N SER A 142 -4.99 -1.72 3.60
CA SER A 142 -6.23 -1.79 2.81
C SER A 142 -6.19 -2.96 1.80
N PRO A 143 -6.10 -4.23 2.28
CA PRO A 143 -5.96 -5.35 1.33
C PRO A 143 -7.05 -5.45 0.26
N LEU A 144 -8.33 -5.34 0.68
CA LEU A 144 -9.47 -5.41 -0.23
C LEU A 144 -9.44 -4.30 -1.27
N GLU A 145 -9.32 -3.04 -0.82
CA GLU A 145 -9.28 -1.86 -1.68
C GLU A 145 -8.18 -1.96 -2.73
N ASN A 146 -6.97 -2.37 -2.32
CA ASN A 146 -5.82 -2.58 -3.21
C ASN A 146 -6.12 -3.69 -4.24
N HIS A 147 -6.84 -4.75 -3.79
CA HIS A 147 -7.23 -5.88 -4.63
C HIS A 147 -8.27 -5.50 -5.69
N HIS A 148 -9.36 -4.79 -5.28
CA HIS A 148 -10.41 -4.31 -6.18
C HIS A 148 -9.76 -3.48 -7.27
N CYS A 149 -8.83 -2.62 -6.84
CA CYS A 149 -8.00 -1.73 -7.64
C CYS A 149 -7.14 -2.53 -8.64
N ALA A 150 -6.46 -3.59 -8.15
CA ALA A 150 -5.60 -4.44 -8.97
C ALA A 150 -6.43 -5.13 -10.05
N VAL A 151 -7.56 -5.77 -9.65
CA VAL A 151 -8.52 -6.46 -10.53
C VAL A 151 -9.04 -5.50 -11.62
N ALA A 152 -9.31 -4.23 -11.25
CA ALA A 152 -9.80 -3.20 -12.16
C ALA A 152 -8.84 -2.97 -13.33
N PHE A 153 -7.55 -2.83 -13.03
CA PHE A 153 -6.54 -2.60 -14.06
C PHE A 153 -6.12 -3.86 -14.82
N GLN A 154 -6.41 -5.04 -14.22
CA GLN A 154 -6.18 -6.35 -14.81
C GLN A 154 -7.22 -6.57 -15.92
N ILE A 155 -8.45 -6.07 -15.70
CA ILE A 155 -9.56 -6.14 -16.65
C ILE A 155 -9.22 -5.22 -17.83
N LEU A 156 -8.89 -3.95 -17.53
CA LEU A 156 -8.51 -2.91 -18.50
C LEU A 156 -7.24 -3.27 -19.28
N ALA A 157 -6.40 -4.18 -18.74
CA ALA A 157 -5.17 -4.65 -19.37
C ALA A 157 -5.50 -5.53 -20.59
N GLU A 158 -6.65 -6.24 -20.53
CA GLU A 158 -7.14 -7.09 -21.62
C GLU A 158 -7.54 -6.18 -22.79
N PRO A 159 -7.05 -6.45 -24.03
CA PRO A 159 -7.34 -5.54 -25.16
C PRO A 159 -8.82 -5.34 -25.50
N GLU A 160 -9.62 -6.42 -25.46
CA GLU A 160 -11.05 -6.40 -25.79
C GLU A 160 -11.89 -5.58 -24.79
N CYS A 161 -11.33 -5.27 -23.60
CA CYS A 161 -11.99 -4.53 -22.52
C CYS A 161 -11.40 -3.13 -22.32
N ASN A 162 -10.21 -2.86 -22.86
CA ASN A 162 -9.54 -1.57 -22.67
C ASN A 162 -10.32 -0.39 -23.25
N ILE A 163 -11.13 0.25 -22.39
CA ILE A 163 -11.92 1.43 -22.77
C ILE A 163 -11.01 2.67 -22.91
N PHE A 164 -9.78 2.58 -22.38
CA PHE A 164 -8.80 3.66 -22.44
C PHE A 164 -7.75 3.44 -23.55
N SER A 165 -8.03 2.51 -24.49
CA SER A 165 -7.15 2.16 -25.61
C SER A 165 -6.82 3.33 -26.52
N ASN A 166 -7.76 4.28 -26.67
CA ASN A 166 -7.59 5.46 -27.52
C ASN A 166 -7.17 6.72 -26.77
N ILE A 167 -6.94 6.59 -25.46
CA ILE A 167 -6.47 7.68 -24.60
C ILE A 167 -4.92 7.67 -24.64
N PRO A 168 -4.24 8.82 -24.85
CA PRO A 168 -2.75 8.82 -24.87
C PRO A 168 -2.13 8.32 -23.55
N PRO A 169 -0.85 7.85 -23.54
CA PRO A 169 -0.26 7.33 -22.29
C PRO A 169 -0.29 8.30 -21.11
N ASP A 170 0.01 9.60 -21.36
CA ASP A 170 -0.02 10.66 -20.35
C ASP A 170 -1.39 10.76 -19.68
N GLY A 171 -2.44 10.67 -20.51
CA GLY A 171 -3.83 10.69 -20.09
C GLY A 171 -4.18 9.46 -19.28
N PHE A 172 -3.77 8.26 -19.76
CA PHE A 172 -3.98 6.98 -19.08
C PHE A 172 -3.41 7.01 -17.66
N LYS A 173 -2.15 7.48 -17.53
CA LYS A 173 -1.44 7.60 -16.25
C LYS A 173 -2.24 8.44 -15.24
N GLN A 174 -2.82 9.57 -15.71
CA GLN A 174 -3.64 10.50 -14.91
C GLN A 174 -4.91 9.81 -14.41
N ILE A 175 -5.61 9.09 -15.32
CA ILE A 175 -6.84 8.32 -15.03
C ILE A 175 -6.52 7.23 -14.01
N ARG A 176 -5.45 6.45 -14.27
CA ARG A 176 -4.97 5.37 -13.40
C ARG A 176 -4.70 5.89 -11.99
N GLN A 177 -3.91 6.98 -11.85
CA GLN A 177 -3.57 7.60 -10.56
C GLN A 177 -4.84 7.99 -9.79
N GLY A 178 -5.74 8.68 -10.48
CA GLY A 178 -7.01 9.15 -9.93
C GLY A 178 -7.88 8.02 -9.42
N MET A 179 -8.10 6.99 -10.26
CA MET A 179 -8.89 5.80 -9.95
C MET A 179 -8.37 5.09 -8.72
N ILE A 180 -7.02 4.92 -8.64
CA ILE A 180 -6.33 4.29 -7.51
C ILE A 180 -6.62 5.05 -6.22
N THR A 181 -6.37 6.38 -6.22
CA THR A 181 -6.63 7.29 -5.10
C THR A 181 -8.06 7.12 -4.58
N LEU A 182 -9.05 7.14 -5.50
CA LEU A 182 -10.47 7.02 -5.21
C LEU A 182 -10.89 5.65 -4.66
N ILE A 183 -10.46 4.55 -5.31
CA ILE A 183 -10.80 3.18 -4.87
C ILE A 183 -10.22 2.93 -3.47
N LEU A 184 -8.99 3.41 -3.21
CA LEU A 184 -8.37 3.26 -1.89
C LEU A 184 -9.04 4.14 -0.83
N ALA A 185 -9.61 5.30 -1.23
CA ALA A 185 -10.31 6.24 -0.35
C ALA A 185 -11.62 5.66 0.20
N THR A 186 -12.09 4.53 -0.36
CA THR A 186 -13.34 3.90 0.07
C THR A 186 -13.22 3.14 1.41
N ASP A 187 -11.98 2.78 1.85
CA ASP A 187 -11.74 2.08 3.12
C ASP A 187 -12.24 2.93 4.28
N MET A 188 -13.24 2.40 5.03
CA MET A 188 -13.86 3.09 6.16
C MET A 188 -12.93 3.35 7.34
N ALA A 189 -11.77 2.67 7.35
CA ALA A 189 -10.72 2.84 8.35
C ALA A 189 -10.13 4.25 8.21
N ARG A 190 -10.19 4.80 6.99
CA ARG A 190 -9.67 6.11 6.63
C ARG A 190 -10.73 7.23 6.66
N HIS A 191 -12.03 6.89 6.94
CA HIS A 191 -13.14 7.84 6.97
C HIS A 191 -12.84 9.11 7.77
N ALA A 192 -12.51 8.96 9.07
CA ALA A 192 -12.18 10.05 9.98
C ALA A 192 -11.05 10.94 9.43
N GLU A 193 -9.97 10.29 8.92
CA GLU A 193 -8.78 10.90 8.30
C GLU A 193 -9.17 11.77 7.08
N ILE A 194 -9.87 11.15 6.09
CA ILE A 194 -10.33 11.80 4.86
C ILE A 194 -11.28 12.98 5.16
N MET A 195 -12.22 12.77 6.11
CA MET A 195 -13.17 13.79 6.54
C MET A 195 -12.47 15.01 7.12
N ASP A 196 -11.48 14.78 8.02
CA ASP A 196 -10.69 15.83 8.66
C ASP A 196 -9.88 16.61 7.64
N SER A 197 -9.30 15.89 6.65
CA SER A 197 -8.51 16.48 5.55
C SER A 197 -9.37 17.39 4.69
N PHE A 198 -10.61 16.96 4.37
CA PHE A 198 -11.56 17.71 3.56
C PHE A 198 -12.09 18.95 4.30
N LYS A 199 -12.42 18.79 5.60
CA LYS A 199 -12.92 19.86 6.46
C LYS A 199 -11.86 20.96 6.67
N GLU A 200 -10.57 20.58 6.56
CA GLU A 200 -9.41 21.47 6.67
C GLU A 200 -9.37 22.37 5.41
N LYS A 201 -9.55 21.75 4.22
CA LYS A 201 -9.57 22.43 2.92
C LYS A 201 -10.85 23.27 2.77
N MET A 202 -11.90 22.91 3.53
CA MET A 202 -13.20 23.56 3.56
C MET A 202 -13.16 24.99 4.05
N GLU A 203 -12.21 25.30 4.97
CA GLU A 203 -11.97 26.62 5.57
C GLU A 203 -11.94 27.74 4.51
N ASN A 204 -11.44 27.41 3.30
CA ASN A 204 -11.36 28.26 2.12
C ASN A 204 -11.15 27.35 0.89
N PHE A 205 -12.24 26.71 0.41
CA PHE A 205 -12.18 25.79 -0.73
C PHE A 205 -11.88 26.48 -2.05
N ASP A 206 -10.96 25.89 -2.82
CA ASP A 206 -10.51 26.41 -4.12
C ASP A 206 -10.60 25.32 -5.18
N TYR A 207 -11.57 25.48 -6.13
CA TYR A 207 -11.79 24.54 -7.23
C TYR A 207 -10.61 24.45 -8.21
N SER A 208 -9.70 25.45 -8.19
CA SER A 208 -8.53 25.47 -9.06
C SER A 208 -7.35 24.72 -8.43
N ASN A 209 -7.47 24.34 -7.13
CA ASN A 209 -6.44 23.60 -6.41
C ASN A 209 -6.64 22.10 -6.57
N GLU A 210 -5.60 21.40 -7.09
CA GLU A 210 -5.58 19.95 -7.33
C GLU A 210 -5.80 19.14 -6.06
N GLU A 211 -5.14 19.53 -4.94
CA GLU A 211 -5.25 18.87 -3.63
C GLU A 211 -6.68 18.92 -3.11
N HIS A 212 -7.34 20.09 -3.28
CA HIS A 212 -8.72 20.34 -2.88
C HIS A 212 -9.67 19.46 -3.69
N MET A 213 -9.50 19.44 -5.03
CA MET A 213 -10.31 18.65 -5.98
C MET A 213 -10.20 17.16 -5.75
N THR A 214 -8.99 16.67 -5.42
CA THR A 214 -8.73 15.25 -5.12
C THR A 214 -9.54 14.84 -3.89
N LEU A 215 -9.48 15.65 -2.82
CA LEU A 215 -10.24 15.41 -1.60
C LEU A 215 -11.75 15.46 -1.83
N LEU A 216 -12.21 16.38 -2.71
CA LEU A 216 -13.63 16.47 -3.07
C LEU A 216 -14.06 15.19 -3.78
N LYS A 217 -13.28 14.74 -4.78
CA LYS A 217 -13.54 13.50 -5.54
C LYS A 217 -13.61 12.30 -4.58
N MET A 218 -12.66 12.23 -3.62
CA MET A 218 -12.60 11.20 -2.57
C MET A 218 -13.90 11.20 -1.75
N ILE A 219 -14.33 12.39 -1.31
CA ILE A 219 -15.56 12.60 -0.55
C ILE A 219 -16.79 12.18 -1.37
N LEU A 220 -16.79 12.48 -2.69
CA LEU A 220 -17.87 12.12 -3.61
C LEU A 220 -18.02 10.61 -3.76
N ILE A 221 -16.90 9.88 -4.03
CA ILE A 221 -16.97 8.41 -4.13
C ILE A 221 -17.42 7.78 -2.80
N LYS A 222 -16.94 8.34 -1.66
CA LYS A 222 -17.32 7.92 -0.32
C LYS A 222 -18.82 8.12 -0.10
N CYS A 223 -19.37 9.27 -0.58
CA CYS A 223 -20.79 9.60 -0.49
C CYS A 223 -21.63 8.55 -1.20
N CYS A 224 -21.27 8.20 -2.44
CA CYS A 224 -21.96 7.21 -3.28
C CYS A 224 -21.84 5.79 -2.73
N ASP A 225 -20.68 5.46 -2.12
CA ASP A 225 -20.38 4.14 -1.56
C ASP A 225 -21.31 3.75 -0.43
N ILE A 226 -21.74 4.73 0.39
CA ILE A 226 -22.62 4.50 1.55
C ILE A 226 -24.02 5.18 1.44
N SER A 227 -24.33 5.72 0.25
CA SER A 227 -25.56 6.44 -0.11
C SER A 227 -26.89 5.66 -0.08
N ASN A 228 -26.90 4.40 0.38
CA ASN A 228 -28.13 3.60 0.40
C ASN A 228 -29.31 4.28 1.10
N GLU A 229 -29.09 4.88 2.29
CA GLU A 229 -30.15 5.56 3.06
C GLU A 229 -30.70 6.85 2.44
N VAL A 230 -29.95 7.44 1.49
CA VAL A 230 -30.33 8.65 0.72
C VAL A 230 -31.52 8.33 -0.23
N ARG A 231 -31.55 7.09 -0.74
CA ARG A 231 -32.58 6.55 -1.64
C ARG A 231 -33.92 6.41 -0.92
N PRO A 232 -35.09 6.37 -1.63
CA PRO A 232 -36.39 6.22 -0.94
C PRO A 232 -36.43 5.02 0.01
N MET A 233 -37.14 5.16 1.13
CA MET A 233 -37.31 4.15 2.19
C MET A 233 -37.45 2.70 1.67
N GLU A 234 -38.32 2.48 0.68
CA GLU A 234 -38.63 1.19 0.07
C GLU A 234 -37.45 0.57 -0.67
N VAL A 235 -36.53 1.42 -1.19
CA VAL A 235 -35.32 1.05 -1.94
C VAL A 235 -34.13 0.85 -0.98
N ALA A 236 -34.01 1.73 0.03
CA ALA A 236 -32.95 1.76 1.04
C ALA A 236 -32.96 0.57 2.00
N GLU A 237 -34.14 0.25 2.56
CA GLU A 237 -34.36 -0.82 3.54
C GLU A 237 -33.83 -2.22 3.17
N PRO A 238 -34.11 -2.81 1.96
CA PRO A 238 -33.60 -4.17 1.67
C PRO A 238 -32.08 -4.33 1.76
N TRP A 239 -31.31 -3.21 1.55
CA TRP A 239 -29.85 -3.20 1.62
C TRP A 239 -29.32 -3.43 3.03
N VAL A 240 -30.06 -3.02 4.07
CA VAL A 240 -29.67 -3.18 5.48
C VAL A 240 -29.71 -4.67 5.84
N ASP A 241 -30.72 -5.40 5.32
CA ASP A 241 -30.86 -6.84 5.54
C ASP A 241 -29.77 -7.57 4.78
N CYS A 242 -29.34 -7.01 3.63
CA CYS A 242 -28.26 -7.52 2.77
C CYS A 242 -26.93 -7.47 3.52
N LEU A 243 -26.59 -6.29 4.08
CA LEU A 243 -25.36 -6.05 4.83
C LEU A 243 -25.29 -6.93 6.07
N LEU A 244 -26.42 -7.02 6.82
CA LEU A 244 -26.50 -7.87 8.01
C LEU A 244 -26.21 -9.32 7.69
N GLU A 245 -26.74 -9.84 6.54
CA GLU A 245 -26.53 -11.20 6.06
C GLU A 245 -25.04 -11.49 5.81
N GLU A 246 -24.34 -10.55 5.15
CA GLU A 246 -22.92 -10.62 4.84
C GLU A 246 -22.07 -10.52 6.12
N TYR A 247 -22.47 -9.61 7.04
CA TYR A 247 -21.80 -9.39 8.32
C TYR A 247 -21.93 -10.62 9.23
N PHE A 248 -23.13 -11.24 9.26
CA PHE A 248 -23.39 -12.45 10.05
C PHE A 248 -22.66 -13.66 9.50
N MET A 249 -22.41 -13.67 8.19
CA MET A 249 -21.66 -14.72 7.49
C MET A 249 -20.23 -14.71 8.02
N GLN A 250 -19.68 -13.50 8.23
CA GLN A 250 -18.34 -13.25 8.74
C GLN A 250 -18.24 -13.56 10.22
N SER A 251 -19.15 -12.97 11.04
CA SER A 251 -19.16 -13.17 12.50
C SER A 251 -19.28 -14.65 12.89
N ASP A 252 -20.05 -15.46 12.10
CA ASP A 252 -20.19 -16.90 12.30
C ASP A 252 -18.87 -17.61 12.01
N ARG A 253 -18.21 -17.24 10.88
CA ARG A 253 -16.90 -17.77 10.47
C ARG A 253 -15.84 -17.41 11.52
N GLU A 254 -15.84 -16.13 11.99
CA GLU A 254 -14.93 -15.59 13.01
C GLU A 254 -15.10 -16.37 14.32
N LYS A 255 -16.35 -16.71 14.70
CA LYS A 255 -16.68 -17.48 15.90
C LYS A 255 -16.16 -18.91 15.74
N SER A 256 -16.38 -19.52 14.56
CA SER A 256 -15.97 -20.88 14.21
C SER A 256 -14.44 -21.03 14.20
N GLU A 257 -13.74 -20.01 13.66
CA GLU A 257 -12.29 -19.97 13.54
C GLU A 257 -11.57 -19.50 14.82
N GLY A 258 -12.34 -19.01 15.79
CA GLY A 258 -11.82 -18.54 17.07
C GLY A 258 -11.24 -17.14 17.03
N LEU A 259 -11.56 -16.39 15.97
CA LEU A 259 -11.11 -15.02 15.75
C LEU A 259 -12.05 -14.02 16.43
N PRO A 260 -11.59 -12.79 16.80
CA PRO A 260 -12.50 -11.83 17.46
C PRO A 260 -13.67 -11.41 16.57
N VAL A 261 -14.84 -11.18 17.19
CA VAL A 261 -16.07 -10.79 16.50
C VAL A 261 -16.40 -9.33 16.77
N ALA A 262 -16.61 -8.54 15.70
CA ALA A 262 -16.96 -7.12 15.76
C ALA A 262 -18.36 -6.97 16.39
N PRO A 263 -18.56 -6.04 17.38
CA PRO A 263 -19.89 -5.90 18.01
C PRO A 263 -21.02 -5.55 17.05
N PHE A 264 -20.70 -4.77 16.00
CA PHE A 264 -21.66 -4.38 14.97
C PHE A 264 -21.97 -5.54 14.00
N MET A 265 -21.33 -6.70 14.18
CA MET A 265 -21.54 -7.90 13.37
C MET A 265 -22.05 -9.02 14.27
N ASP A 266 -21.98 -8.79 15.61
CA ASP A 266 -22.43 -9.73 16.65
C ASP A 266 -23.94 -9.84 16.66
N ARG A 267 -24.42 -11.07 16.48
CA ARG A 267 -25.83 -11.45 16.44
C ARG A 267 -26.58 -11.04 17.72
N ASP A 268 -25.92 -11.18 18.88
CA ASP A 268 -26.46 -10.87 20.21
C ASP A 268 -26.35 -9.37 20.58
N LYS A 269 -25.73 -8.54 19.72
CA LYS A 269 -25.55 -7.11 19.96
C LYS A 269 -26.22 -6.20 18.92
N VAL A 270 -25.95 -6.45 17.62
CA VAL A 270 -26.46 -5.63 16.53
C VAL A 270 -27.96 -5.76 16.25
N THR A 271 -28.61 -4.60 16.03
CA THR A 271 -30.02 -4.42 15.66
C THR A 271 -30.00 -3.58 14.40
N LYS A 272 -30.88 -3.92 13.43
CA LYS A 272 -31.04 -3.19 12.17
C LYS A 272 -31.23 -1.67 12.44
N ALA A 273 -32.15 -1.32 13.36
CA ALA A 273 -32.45 0.06 13.76
C ALA A 273 -31.29 0.76 14.49
N THR A 274 -30.75 0.17 15.58
CA THR A 274 -29.65 0.76 16.36
C THR A 274 -28.40 1.05 15.52
N ALA A 275 -28.06 0.12 14.60
CA ALA A 275 -26.92 0.22 13.69
C ALA A 275 -27.11 1.40 12.72
N GLN A 276 -28.33 1.53 12.16
CA GLN A 276 -28.66 2.62 11.23
C GLN A 276 -28.74 3.98 11.89
N ILE A 277 -29.35 4.08 13.10
CA ILE A 277 -29.45 5.35 13.85
C ILE A 277 -28.03 5.94 13.97
N GLY A 278 -27.08 5.13 14.45
CA GLY A 278 -25.67 5.49 14.63
C GLY A 278 -24.96 5.85 13.34
N PHE A 279 -25.14 5.01 12.29
CA PHE A 279 -24.52 5.22 10.97
C PHE A 279 -25.03 6.50 10.31
N ILE A 280 -26.36 6.74 10.31
CA ILE A 280 -26.99 7.93 9.73
C ILE A 280 -26.54 9.21 10.48
N LYS A 281 -26.71 9.24 11.81
CA LYS A 281 -26.36 10.37 12.67
C LYS A 281 -24.89 10.77 12.66
N PHE A 282 -23.98 9.79 12.78
CA PHE A 282 -22.55 10.04 12.93
C PHE A 282 -21.62 9.81 11.75
N VAL A 283 -22.10 9.16 10.68
CA VAL A 283 -21.28 8.92 9.49
C VAL A 283 -21.92 9.60 8.27
N LEU A 284 -23.17 9.22 7.94
CA LEU A 284 -23.91 9.74 6.79
C LEU A 284 -24.24 11.22 6.83
N ILE A 285 -24.98 11.68 7.86
CA ILE A 285 -25.37 13.09 8.00
C ILE A 285 -24.16 14.07 8.02
N PRO A 286 -23.12 13.88 8.87
CA PRO A 286 -21.99 14.84 8.87
C PRO A 286 -21.25 14.99 7.54
N MET A 287 -21.12 13.87 6.80
CA MET A 287 -20.44 13.85 5.51
C MET A 287 -21.22 14.65 4.46
N PHE A 288 -22.55 14.41 4.36
CA PHE A 288 -23.40 15.13 3.42
C PHE A 288 -23.58 16.60 3.80
N GLU A 289 -23.43 16.93 5.11
CA GLU A 289 -23.52 18.29 5.63
C GLU A 289 -22.40 19.16 5.05
N THR A 290 -21.16 18.60 4.96
CA THR A 290 -20.00 19.30 4.40
C THR A 290 -20.09 19.45 2.88
N VAL A 291 -20.73 18.49 2.18
CA VAL A 291 -20.93 18.52 0.72
C VAL A 291 -21.89 19.68 0.39
N THR A 292 -22.92 19.86 1.25
CA THR A 292 -23.94 20.90 1.15
C THR A 292 -23.34 22.31 1.19
N LYS A 293 -22.18 22.45 1.87
CA LYS A 293 -21.45 23.71 1.96
C LYS A 293 -21.04 24.17 0.54
N LEU A 294 -20.62 23.21 -0.32
CA LEU A 294 -20.27 23.45 -1.73
C LEU A 294 -21.51 23.40 -2.62
N PHE A 295 -22.41 22.44 -2.36
CA PHE A 295 -23.61 22.22 -3.18
C PHE A 295 -24.89 22.29 -2.33
N PRO A 296 -25.51 23.49 -2.21
CA PRO A 296 -26.72 23.63 -1.37
C PRO A 296 -27.91 22.74 -1.71
N MET A 297 -28.05 22.37 -3.01
CA MET A 297 -29.10 21.51 -3.52
C MET A 297 -29.12 20.10 -2.90
N VAL A 298 -27.98 19.65 -2.34
CA VAL A 298 -27.80 18.35 -1.69
C VAL A 298 -28.69 18.22 -0.43
N GLU A 299 -28.95 19.33 0.28
CA GLU A 299 -29.79 19.35 1.50
C GLU A 299 -31.20 18.81 1.24
N GLU A 300 -31.92 19.43 0.30
CA GLU A 300 -33.30 19.08 -0.02
C GLU A 300 -33.43 17.67 -0.61
N ILE A 301 -32.47 17.27 -1.46
CA ILE A 301 -32.48 15.99 -2.16
C ILE A 301 -31.91 14.81 -1.37
N MET A 302 -30.81 15.04 -0.62
CA MET A 302 -30.13 13.97 0.12
C MET A 302 -30.09 14.03 1.63
N LEU A 303 -30.13 15.24 2.24
CA LEU A 303 -30.17 15.34 3.69
C LEU A 303 -31.57 15.07 4.23
N GLN A 304 -32.61 15.59 3.55
CA GLN A 304 -34.01 15.38 3.92
C GLN A 304 -34.34 13.87 4.07
N PRO A 305 -34.06 12.99 3.07
CA PRO A 305 -34.33 11.55 3.28
C PRO A 305 -33.53 10.91 4.41
N LEU A 306 -32.31 11.42 4.69
CA LEU A 306 -31.46 10.93 5.77
C LEU A 306 -32.08 11.27 7.13
N TRP A 307 -32.68 12.48 7.26
CA TRP A 307 -33.34 12.92 8.49
C TRP A 307 -34.58 12.06 8.72
N GLU A 308 -35.35 11.84 7.63
CA GLU A 308 -36.58 11.02 7.59
C GLU A 308 -36.29 9.59 8.06
N SER A 309 -35.20 8.99 7.54
CA SER A 309 -34.77 7.63 7.87
C SER A 309 -34.33 7.49 9.33
N ARG A 310 -33.54 8.47 9.83
CA ARG A 310 -33.06 8.52 11.22
C ARG A 310 -34.28 8.46 12.16
N ASP A 311 -35.28 9.33 11.90
CA ASP A 311 -36.52 9.42 12.65
C ASP A 311 -37.33 8.12 12.63
N ARG A 312 -37.33 7.41 11.49
CA ARG A 312 -38.03 6.13 11.33
C ARG A 312 -37.36 5.01 12.14
N TYR A 313 -36.03 4.84 11.98
CA TYR A 313 -35.30 3.81 12.72
C TYR A 313 -35.39 4.02 14.24
N GLU A 314 -35.49 5.29 14.68
CA GLU A 314 -35.69 5.69 16.08
C GLU A 314 -37.07 5.21 16.56
N GLU A 315 -38.10 5.30 15.69
CA GLU A 315 -39.45 4.84 15.97
C GLU A 315 -39.44 3.29 16.07
N LEU A 316 -38.81 2.63 15.07
CA LEU A 316 -38.66 1.17 14.99
C LEU A 316 -37.92 0.60 16.19
N LYS A 317 -36.85 1.30 16.65
CA LYS A 317 -36.02 0.93 17.81
C LYS A 317 -36.88 0.73 19.05
N ARG A 318 -37.83 1.67 19.31
CA ARG A 318 -38.78 1.62 20.43
C ARG A 318 -39.59 0.31 20.45
N ILE A 319 -40.04 -0.14 19.25
CA ILE A 319 -40.81 -1.38 19.04
C ILE A 319 -39.93 -2.63 19.28
N ASP A 320 -38.72 -2.67 18.69
CA ASP A 320 -37.75 -3.78 18.83
C ASP A 320 -37.35 -4.00 20.28
N ASP A 321 -37.01 -2.90 21.01
CA ASP A 321 -36.60 -2.90 22.41
C ASP A 321 -37.71 -3.47 23.29
N ALA A 322 -38.98 -3.13 22.98
CA ALA A 322 -40.18 -3.60 23.67
C ALA A 322 -40.39 -5.11 23.43
N MET A 323 -40.21 -5.54 22.16
CA MET A 323 -40.35 -6.92 21.73
C MET A 323 -39.25 -7.82 22.29
N LYS A 324 -37.99 -7.34 22.31
CA LYS A 324 -36.85 -8.09 22.84
C LYS A 324 -36.92 -8.35 24.35
N GLU A 325 -37.64 -7.48 25.09
CA GLU A 325 -37.81 -7.63 26.54
C GLU A 325 -38.76 -8.80 26.86
N LEU A 326 -39.74 -9.02 25.97
CA LEU A 326 -40.75 -10.10 26.05
C LEU A 326 -40.08 -11.44 25.74
N GLN A 327 -39.11 -11.43 24.80
CA GLN A 327 -38.31 -12.58 24.36
C GLN A 327 -37.33 -13.05 25.44
N LYS A 328 -36.91 -12.11 26.33
CA LYS A 328 -35.97 -12.34 27.44
C LYS A 328 -36.63 -13.14 28.56
N GLY B 1 43.64 -19.92 17.29
CA GLY B 1 44.71 -20.80 17.70
C GLY B 1 44.25 -22.16 18.21
N SER B 2 43.24 -22.74 17.51
CA SER B 2 42.59 -24.03 17.81
C SER B 2 43.51 -25.25 17.66
N HIS B 3 43.29 -26.29 18.50
CA HIS B 3 44.07 -27.54 18.52
C HIS B 3 43.82 -28.45 17.29
N MET B 4 42.70 -28.23 16.57
CA MET B 4 42.31 -29.00 15.39
C MET B 4 41.57 -28.15 14.35
N THR B 5 41.46 -28.68 13.11
CA THR B 5 40.78 -27.99 12.00
C THR B 5 39.28 -28.27 12.05
N TYR B 6 38.48 -27.19 12.12
CA TYR B 6 37.02 -27.26 12.17
C TYR B 6 36.41 -26.84 10.83
N PRO B 7 35.18 -27.30 10.48
CA PRO B 7 34.58 -26.89 9.20
C PRO B 7 34.32 -25.38 9.08
N LYS B 8 34.13 -24.91 7.83
CA LYS B 8 33.88 -23.50 7.52
C LYS B 8 32.64 -22.95 8.20
N TYR B 9 31.56 -23.78 8.30
CA TYR B 9 30.30 -23.39 8.95
C TYR B 9 30.42 -23.16 10.47
N LEU B 10 31.43 -23.77 11.11
CA LEU B 10 31.69 -23.57 12.53
C LEU B 10 32.65 -22.38 12.63
N LEU B 11 32.07 -21.18 12.84
CA LEU B 11 32.77 -19.90 12.90
C LEU B 11 33.82 -19.87 13.99
N SER B 12 35.03 -19.36 13.65
CA SER B 12 36.15 -19.25 14.58
C SER B 12 35.87 -18.15 15.63
N PRO B 13 36.44 -18.21 16.87
CA PRO B 13 36.16 -17.15 17.85
C PRO B 13 36.50 -15.75 17.32
N GLU B 14 37.52 -15.69 16.45
CA GLU B 14 38.01 -14.49 15.77
C GLU B 14 36.93 -13.90 14.86
N THR B 15 36.24 -14.76 14.05
CA THR B 15 35.16 -14.37 13.14
C THR B 15 33.99 -13.78 13.93
N ILE B 16 33.57 -14.48 15.02
CA ILE B 16 32.50 -14.09 15.94
C ILE B 16 32.75 -12.69 16.50
N GLU B 17 34.01 -12.42 16.90
CA GLU B 17 34.47 -11.14 17.42
C GLU B 17 34.42 -10.04 16.34
N ALA B 18 34.99 -10.32 15.14
CA ALA B 18 35.07 -9.41 14.00
C ALA B 18 33.70 -8.97 13.47
N LEU B 19 32.70 -9.85 13.60
CA LEU B 19 31.32 -9.69 13.14
C LEU B 19 30.61 -8.49 13.78
N ARG B 20 31.03 -8.09 14.99
CA ARG B 20 30.45 -6.97 15.76
C ARG B 20 30.90 -5.58 15.24
N LYS B 21 31.92 -5.55 14.37
CA LYS B 21 32.48 -4.31 13.84
C LYS B 21 32.12 -4.08 12.36
N PRO B 22 31.96 -2.79 11.91
CA PRO B 22 31.62 -2.54 10.49
C PRO B 22 32.81 -2.74 9.52
N THR B 23 33.98 -3.10 10.06
CA THR B 23 35.23 -3.35 9.35
C THR B 23 35.24 -4.75 8.73
N PHE B 24 34.26 -5.60 9.11
CA PHE B 24 34.09 -6.99 8.69
C PHE B 24 34.08 -7.16 7.16
N ASP B 25 35.01 -7.99 6.62
CA ASP B 25 35.07 -8.24 5.18
C ASP B 25 33.99 -9.22 4.76
N VAL B 26 32.87 -8.66 4.26
CA VAL B 26 31.67 -9.35 3.79
C VAL B 26 31.92 -10.24 2.56
N TRP B 27 33.07 -10.04 1.89
CA TRP B 27 33.48 -10.75 0.68
C TRP B 27 34.19 -12.08 0.92
N LEU B 28 34.80 -12.28 2.11
CA LEU B 28 35.54 -13.49 2.46
C LEU B 28 34.69 -14.73 2.73
N TRP B 29 33.37 -14.57 2.79
CA TRP B 29 32.50 -15.69 3.19
C TRP B 29 31.52 -16.19 2.16
N GLU B 30 31.34 -17.52 2.15
CA GLU B 30 30.41 -18.22 1.28
C GLU B 30 29.00 -18.20 1.93
N PRO B 31 27.89 -18.41 1.17
CA PRO B 31 26.56 -18.33 1.79
C PRO B 31 26.35 -19.06 3.13
N ASN B 32 26.77 -20.33 3.22
CA ASN B 32 26.66 -21.16 4.43
C ASN B 32 27.36 -20.53 5.64
N GLU B 33 28.51 -19.87 5.41
CA GLU B 33 29.28 -19.17 6.44
C GLU B 33 28.53 -17.90 6.87
N MET B 34 27.98 -17.15 5.88
CA MET B 34 27.19 -15.93 6.09
C MET B 34 25.92 -16.26 6.86
N LEU B 35 25.31 -17.43 6.57
CA LEU B 35 24.11 -17.94 7.22
C LEU B 35 24.39 -18.25 8.69
N SER B 36 25.59 -18.80 8.99
CA SER B 36 26.03 -19.12 10.35
C SER B 36 26.24 -17.85 11.15
N CYS B 37 26.71 -16.77 10.47
CA CYS B 37 26.94 -15.44 11.05
C CYS B 37 25.60 -14.86 11.50
N LEU B 38 24.59 -14.91 10.62
CA LEU B 38 23.25 -14.42 10.89
C LEU B 38 22.60 -15.16 12.06
N GLU B 39 22.84 -16.50 12.15
CA GLU B 39 22.36 -17.38 13.21
C GLU B 39 22.96 -16.95 14.54
N HIS B 40 24.29 -16.70 14.57
CA HIS B 40 25.01 -16.25 15.75
C HIS B 40 24.44 -14.92 16.27
N MET B 41 24.12 -13.99 15.35
CA MET B 41 23.55 -12.68 15.68
C MET B 41 22.29 -12.84 16.52
N TYR B 42 21.36 -13.71 16.08
CA TYR B 42 20.09 -13.98 16.76
C TYR B 42 20.27 -14.57 18.15
N HIS B 43 21.31 -15.39 18.33
CA HIS B 43 21.62 -15.99 19.61
C HIS B 43 22.27 -14.94 20.52
N ASP B 44 23.33 -14.28 20.03
CA ASP B 44 24.11 -13.25 20.73
C ASP B 44 23.30 -12.06 21.21
N LEU B 45 22.33 -11.61 20.38
CA LEU B 45 21.46 -10.48 20.73
C LEU B 45 20.37 -10.85 21.75
N GLY B 46 20.34 -12.14 22.14
CA GLY B 46 19.40 -12.71 23.10
C GLY B 46 18.00 -12.88 22.54
N LEU B 47 17.86 -12.81 21.20
CA LEU B 47 16.57 -12.93 20.51
C LEU B 47 16.04 -14.36 20.56
N VAL B 48 16.92 -15.37 20.44
CA VAL B 48 16.55 -16.80 20.53
C VAL B 48 16.00 -17.07 21.94
N ARG B 49 16.69 -16.52 22.96
CA ARG B 49 16.36 -16.64 24.37
C ARG B 49 15.02 -15.96 24.72
N ASP B 50 14.96 -14.63 24.52
CA ASP B 50 13.80 -13.80 24.85
C ASP B 50 12.52 -14.06 24.06
N PHE B 51 12.63 -14.63 22.85
CA PHE B 51 11.47 -14.92 22.00
C PHE B 51 11.20 -16.41 21.80
N SER B 52 11.89 -17.26 22.60
CA SER B 52 11.77 -18.72 22.58
C SER B 52 11.84 -19.31 21.16
N ILE B 53 12.75 -18.78 20.32
CA ILE B 53 12.95 -19.21 18.92
C ILE B 53 13.56 -20.60 18.92
N ASN B 54 12.94 -21.54 18.18
CA ASN B 54 13.47 -22.91 18.08
C ASN B 54 14.75 -22.84 17.23
N PRO B 55 15.91 -23.28 17.78
CA PRO B 55 17.18 -23.15 17.05
C PRO B 55 17.23 -23.81 15.67
N VAL B 56 16.48 -24.91 15.46
CA VAL B 56 16.44 -25.60 14.16
C VAL B 56 15.57 -24.77 13.20
N THR B 57 14.47 -24.20 13.73
CA THR B 57 13.54 -23.34 12.98
C THR B 57 14.26 -22.07 12.54
N LEU B 58 15.19 -21.53 13.38
CA LEU B 58 15.99 -20.35 13.05
C LEU B 58 16.85 -20.61 11.81
N ARG B 59 17.55 -21.77 11.80
CA ARG B 59 18.42 -22.24 10.71
C ARG B 59 17.61 -22.52 9.44
N ARG B 60 16.44 -23.18 9.59
CA ARG B 60 15.50 -23.53 8.53
C ARG B 60 14.98 -22.26 7.85
N TRP B 61 14.61 -21.23 8.67
CA TRP B 61 14.12 -19.94 8.22
C TRP B 61 15.19 -19.18 7.44
N LEU B 62 16.42 -19.11 7.99
CA LEU B 62 17.56 -18.44 7.34
C LEU B 62 17.88 -19.07 5.99
N PHE B 63 17.85 -20.42 5.92
CA PHE B 63 18.11 -21.17 4.68
C PHE B 63 17.06 -20.83 3.63
N CYS B 64 15.77 -20.72 4.05
CA CYS B 64 14.65 -20.39 3.18
C CYS B 64 14.77 -18.96 2.65
N VAL B 65 15.13 -18.01 3.55
CA VAL B 65 15.35 -16.59 3.23
C VAL B 65 16.43 -16.50 2.14
N HIS B 66 17.53 -17.24 2.30
CA HIS B 66 18.64 -17.31 1.35
C HIS B 66 18.16 -17.83 -0.02
N ASP B 67 17.32 -18.89 -0.02
CA ASP B 67 16.79 -19.48 -1.25
C ASP B 67 15.92 -18.47 -2.00
N ASN B 68 15.18 -17.66 -1.23
CA ASN B 68 14.28 -16.63 -1.75
C ASN B 68 14.96 -15.33 -2.22
N TYR B 69 16.29 -15.26 -2.13
CA TYR B 69 17.07 -14.14 -2.66
C TYR B 69 17.52 -14.51 -4.08
N ARG B 70 17.56 -13.51 -4.99
CA ARG B 70 17.94 -13.75 -6.39
C ARG B 70 19.43 -13.48 -6.66
N ASN B 71 20.01 -14.13 -7.70
CA ASN B 71 21.41 -13.97 -8.09
C ASN B 71 21.67 -12.72 -8.95
N ASN B 72 21.18 -11.57 -8.46
CA ASN B 72 21.32 -10.25 -9.08
C ASN B 72 22.74 -9.72 -8.82
N PRO B 73 23.27 -8.79 -9.64
CA PRO B 73 24.63 -8.27 -9.38
C PRO B 73 24.76 -7.51 -8.06
N PHE B 74 23.71 -6.73 -7.67
CA PHE B 74 23.71 -5.98 -6.42
C PHE B 74 22.70 -6.50 -5.38
N HIS B 75 21.40 -6.57 -5.75
CA HIS B 75 20.32 -7.02 -4.85
C HIS B 75 20.25 -8.54 -4.73
N ASN B 76 21.27 -9.10 -4.05
CA ASN B 76 21.48 -10.52 -3.79
C ASN B 76 21.55 -10.79 -2.28
N PHE B 77 21.75 -12.07 -1.90
CA PHE B 77 21.86 -12.47 -0.50
C PHE B 77 23.01 -11.76 0.23
N ARG B 78 24.18 -11.58 -0.43
CA ARG B 78 25.34 -10.90 0.16
C ARG B 78 25.00 -9.46 0.59
N HIS B 79 24.14 -8.76 -0.18
CA HIS B 79 23.69 -7.41 0.15
C HIS B 79 22.88 -7.46 1.44
N CYS B 80 21.92 -8.41 1.52
CA CYS B 80 21.08 -8.62 2.70
C CYS B 80 21.94 -8.90 3.92
N PHE B 81 23.06 -9.65 3.73
CA PHE B 81 24.03 -9.95 4.76
C PHE B 81 24.70 -8.67 5.28
N CYS B 82 25.10 -7.76 4.36
CA CYS B 82 25.72 -6.46 4.71
C CYS B 82 24.82 -5.65 5.61
N VAL B 83 23.57 -5.43 5.17
CA VAL B 83 22.55 -4.66 5.86
C VAL B 83 22.34 -5.20 7.29
N ALA B 84 22.14 -6.52 7.43
CA ALA B 84 21.97 -7.21 8.71
C ALA B 84 23.21 -7.08 9.58
N GLN B 85 24.41 -7.28 9.00
CA GLN B 85 25.70 -7.19 9.69
C GLN B 85 25.95 -5.76 10.15
N MET B 86 25.58 -4.75 9.34
CA MET B 86 25.73 -3.34 9.69
C MET B 86 24.76 -3.00 10.82
N MET B 87 23.55 -3.58 10.79
CA MET B 87 22.54 -3.40 11.82
C MET B 87 23.09 -3.95 13.13
N TYR B 88 23.65 -5.17 13.08
CA TYR B 88 24.30 -5.85 14.20
C TYR B 88 25.44 -5.00 14.76
N SER B 89 26.27 -4.40 13.86
CA SER B 89 27.38 -3.51 14.20
C SER B 89 26.91 -2.26 14.92
N MET B 90 25.78 -1.70 14.47
CA MET B 90 25.19 -0.50 15.04
C MET B 90 24.52 -0.73 16.40
N VAL B 91 24.07 -1.97 16.67
CA VAL B 91 23.45 -2.32 17.95
C VAL B 91 24.51 -2.22 19.05
N TRP B 92 25.77 -2.60 18.73
CA TRP B 92 26.91 -2.54 19.65
C TRP B 92 27.48 -1.15 19.76
N LEU B 93 27.77 -0.51 18.60
CA LEU B 93 28.34 0.84 18.52
C LEU B 93 27.47 1.86 19.26
N CYS B 94 26.18 1.95 18.88
CA CYS B 94 25.22 2.90 19.46
C CYS B 94 24.64 2.46 20.80
N SER B 95 24.97 1.22 21.24
CA SER B 95 24.47 0.61 22.49
C SER B 95 22.94 0.63 22.48
N LEU B 96 22.36 0.19 21.34
CA LEU B 96 20.92 0.18 21.08
C LEU B 96 20.12 -0.68 22.06
N GLN B 97 20.79 -1.69 22.66
CA GLN B 97 20.20 -2.61 23.65
C GLN B 97 19.70 -1.84 24.89
N GLU B 98 20.28 -0.65 25.15
CA GLU B 98 19.92 0.25 26.25
C GLU B 98 18.64 1.03 25.92
N LYS B 99 18.62 1.68 24.73
CA LYS B 99 17.51 2.53 24.26
C LYS B 99 16.30 1.76 23.74
N PHE B 100 16.52 0.66 23.00
CA PHE B 100 15.47 -0.16 22.40
C PHE B 100 15.10 -1.42 23.17
N SER B 101 13.85 -1.88 22.99
CA SER B 101 13.33 -3.10 23.57
C SER B 101 13.82 -4.27 22.71
N GLN B 102 13.76 -5.50 23.23
CA GLN B 102 14.19 -6.68 22.47
C GLN B 102 13.29 -6.92 21.28
N THR B 103 12.01 -6.49 21.38
CA THR B 103 11.04 -6.59 20.29
C THR B 103 11.50 -5.69 19.14
N ASP B 104 11.95 -4.46 19.46
CA ASP B 104 12.48 -3.49 18.50
C ASP B 104 13.74 -4.05 17.82
N ILE B 105 14.65 -4.64 18.62
CA ILE B 105 15.89 -5.25 18.15
C ILE B 105 15.54 -6.40 17.18
N LEU B 106 14.55 -7.23 17.54
CA LEU B 106 14.07 -8.34 16.71
C LEU B 106 13.53 -7.77 15.38
N ILE B 107 12.74 -6.67 15.46
CA ILE B 107 12.17 -6.00 14.28
C ILE B 107 13.28 -5.50 13.36
N LEU B 108 14.25 -4.73 13.91
CA LEU B 108 15.38 -4.16 13.16
C LEU B 108 16.17 -5.23 12.43
N MET B 109 16.46 -6.35 13.11
CA MET B 109 17.22 -7.47 12.55
C MET B 109 16.46 -8.26 11.50
N THR B 110 15.22 -8.68 11.82
CA THR B 110 14.40 -9.45 10.89
C THR B 110 14.07 -8.67 9.61
N ALA B 111 13.76 -7.36 9.75
CA ALA B 111 13.47 -6.50 8.61
C ALA B 111 14.72 -6.31 7.73
N ALA B 112 15.91 -6.13 8.35
CA ALA B 112 17.18 -5.97 7.66
C ALA B 112 17.49 -7.16 6.74
N ILE B 113 17.24 -8.39 7.24
CA ILE B 113 17.46 -9.65 6.53
C ILE B 113 16.44 -9.82 5.37
N CYS B 114 15.19 -9.43 5.60
CA CYS B 114 14.09 -9.59 4.67
C CYS B 114 13.88 -8.49 3.63
N HIS B 115 14.31 -7.25 3.94
CA HIS B 115 14.14 -6.03 3.14
C HIS B 115 14.20 -6.09 1.60
N ASP B 116 14.97 -7.04 1.01
CA ASP B 116 15.10 -7.16 -0.45
C ASP B 116 14.77 -8.55 -1.03
N LEU B 117 13.95 -9.34 -0.32
CA LEU B 117 13.56 -10.70 -0.74
C LEU B 117 12.92 -10.75 -2.12
N ASP B 118 13.41 -11.68 -2.98
CA ASP B 118 12.93 -11.89 -4.35
C ASP B 118 12.96 -10.64 -5.23
N HIS B 119 14.03 -9.83 -5.08
CA HIS B 119 14.23 -8.61 -5.86
C HIS B 119 14.52 -9.02 -7.31
N PRO B 120 13.82 -8.46 -8.32
CA PRO B 120 14.05 -8.89 -9.71
C PRO B 120 15.29 -8.30 -10.40
N GLY B 121 15.91 -7.30 -9.79
CA GLY B 121 17.08 -6.61 -10.33
C GLY B 121 16.73 -5.40 -11.19
N TYR B 122 15.44 -5.00 -11.17
CA TYR B 122 14.90 -3.86 -11.92
C TYR B 122 14.03 -3.05 -10.95
N ASN B 123 14.41 -1.77 -10.71
CA ASN B 123 13.78 -0.85 -9.75
C ASN B 123 12.30 -0.52 -10.00
N ASN B 124 11.63 0.08 -8.97
CA ASN B 124 10.22 0.49 -9.03
C ASN B 124 9.89 1.32 -10.27
N THR B 125 10.84 2.21 -10.68
CA THR B 125 10.69 3.03 -11.88
C THR B 125 10.46 2.14 -13.10
N TYR B 126 11.25 1.04 -13.23
CA TYR B 126 11.05 0.10 -14.34
C TYR B 126 9.69 -0.57 -14.22
N GLN B 127 9.39 -1.14 -13.04
CA GLN B 127 8.14 -1.84 -12.74
C GLN B 127 6.90 -1.04 -13.16
N ILE B 128 6.85 0.26 -12.75
CA ILE B 128 5.76 1.19 -13.07
C ILE B 128 5.67 1.49 -14.57
N ASN B 129 6.79 1.91 -15.18
CA ASN B 129 6.87 2.24 -16.61
C ASN B 129 6.53 1.06 -17.51
N ALA B 130 7.09 -0.13 -17.21
CA ALA B 130 6.87 -1.37 -17.97
C ALA B 130 5.50 -1.99 -17.70
N ARG B 131 4.75 -1.45 -16.71
CA ARG B 131 3.41 -1.90 -16.29
C ARG B 131 3.43 -3.39 -15.96
N THR B 132 4.44 -3.80 -15.15
CA THR B 132 4.69 -5.18 -14.72
C THR B 132 3.57 -5.72 -13.83
N GLU B 133 3.57 -7.04 -13.57
CA GLU B 133 2.57 -7.68 -12.70
C GLU B 133 2.62 -7.08 -11.31
N LEU B 134 3.84 -6.83 -10.78
CA LEU B 134 4.06 -6.21 -9.47
C LEU B 134 3.48 -4.80 -9.39
N ALA B 135 3.69 -3.97 -10.43
CA ALA B 135 3.16 -2.60 -10.46
C ALA B 135 1.64 -2.60 -10.49
N VAL B 136 1.03 -3.50 -11.28
CA VAL B 136 -0.42 -3.65 -11.38
C VAL B 136 -0.99 -4.23 -10.06
N ARG B 137 -0.23 -5.14 -9.41
CA ARG B 137 -0.64 -5.74 -8.14
C ARG B 137 -0.64 -4.71 -7.03
N TYR B 138 0.45 -3.93 -6.92
CA TYR B 138 0.62 -2.95 -5.85
C TYR B 138 0.18 -1.51 -6.16
N ASN B 139 -0.49 -1.33 -7.31
CA ASN B 139 -1.05 -0.05 -7.77
C ASN B 139 -0.02 1.10 -7.79
N ASP B 140 1.20 0.82 -8.30
CA ASP B 140 2.35 1.72 -8.41
C ASP B 140 2.88 2.26 -7.05
N ILE B 141 2.35 1.73 -5.91
CA ILE B 141 2.75 2.14 -4.56
C ILE B 141 3.84 1.17 -4.08
N SER B 142 5.12 1.63 -4.04
CA SER B 142 6.32 0.86 -3.64
C SER B 142 6.15 -0.63 -3.97
N PRO B 143 5.99 -1.02 -5.28
CA PRO B 143 5.73 -2.43 -5.59
C PRO B 143 6.76 -3.41 -5.07
N LEU B 144 8.07 -3.12 -5.26
CA LEU B 144 9.15 -3.99 -4.79
C LEU B 144 9.14 -4.16 -3.29
N GLU B 145 9.13 -3.04 -2.54
CA GLU B 145 9.13 -3.02 -1.08
C GLU B 145 7.96 -3.83 -0.51
N ASN B 146 6.74 -3.63 -1.06
CA ASN B 146 5.54 -4.39 -0.66
C ASN B 146 5.72 -5.88 -0.94
N HIS B 147 6.40 -6.22 -2.06
CA HIS B 147 6.65 -7.59 -2.48
C HIS B 147 7.65 -8.29 -1.57
N HIS B 148 8.81 -7.64 -1.27
CA HIS B 148 9.85 -8.16 -0.37
C HIS B 148 9.19 -8.49 0.96
N CYS B 149 8.36 -7.55 1.42
CA CYS B 149 7.54 -7.59 2.62
C CYS B 149 6.57 -8.76 2.61
N ALA B 150 5.84 -8.95 1.48
CA ALA B 150 4.88 -10.03 1.30
C ALA B 150 5.59 -11.38 1.36
N VAL B 151 6.69 -11.54 0.61
CA VAL B 151 7.54 -12.74 0.56
C VAL B 151 8.06 -13.09 1.96
N ALA B 152 8.44 -12.07 2.76
CA ALA B 152 8.95 -12.22 4.12
C ALA B 152 7.94 -12.93 5.02
N PHE B 153 6.68 -12.48 4.98
CA PHE B 153 5.62 -13.07 5.79
C PHE B 153 5.06 -14.37 5.23
N GLN B 154 5.30 -14.63 3.93
CA GLN B 154 4.93 -15.86 3.23
C GLN B 154 5.86 -16.97 3.71
N ILE B 155 7.15 -16.62 3.95
CA ILE B 155 8.19 -17.53 4.45
C ILE B 155 7.82 -17.88 5.89
N LEU B 156 7.62 -16.85 6.74
CA LEU B 156 7.25 -16.97 8.15
C LEU B 156 5.89 -17.67 8.36
N ALA B 157 5.03 -17.69 7.32
CA ALA B 157 3.73 -18.35 7.35
C ALA B 157 3.90 -19.88 7.36
N GLU B 158 4.99 -20.37 6.73
CA GLU B 158 5.34 -21.78 6.68
C GLU B 158 5.73 -22.22 8.11
N PRO B 159 5.14 -23.32 8.64
CA PRO B 159 5.43 -23.71 10.03
C PRO B 159 6.89 -24.01 10.36
N GLU B 160 7.61 -24.69 9.45
CA GLU B 160 9.02 -25.08 9.62
C GLU B 160 9.99 -23.89 9.67
N CYS B 161 9.53 -22.70 9.23
CA CYS B 161 10.31 -21.46 9.17
C CYS B 161 9.85 -20.41 10.19
N ASN B 162 8.64 -20.57 10.75
CA ASN B 162 8.08 -19.60 11.70
C ASN B 162 8.90 -19.45 12.97
N ILE B 163 9.82 -18.46 12.96
CA ILE B 163 10.66 -18.15 14.11
C ILE B 163 9.86 -17.44 15.21
N PHE B 164 8.65 -16.95 14.86
CA PHE B 164 7.75 -16.26 15.78
C PHE B 164 6.62 -17.18 16.28
N SER B 165 6.78 -18.51 16.10
CA SER B 165 5.82 -19.53 16.50
C SER B 165 5.49 -19.55 17.99
N ASN B 166 6.49 -19.19 18.83
CA ASN B 166 6.33 -19.16 20.28
C ASN B 166 6.06 -17.77 20.86
N ILE B 167 5.90 -16.77 19.97
CA ILE B 167 5.57 -15.40 20.35
C ILE B 167 4.03 -15.29 20.39
N PRO B 168 3.43 -14.69 21.46
CA PRO B 168 1.96 -14.56 21.51
C PRO B 168 1.38 -13.76 20.33
N PRO B 169 0.06 -13.91 19.99
CA PRO B 169 -0.48 -13.17 18.83
C PRO B 169 -0.30 -11.65 18.90
N ASP B 170 -0.52 -11.05 20.09
CA ASP B 170 -0.36 -9.60 20.33
C ASP B 170 1.06 -9.15 19.99
N GLY B 171 2.05 -9.96 20.39
CA GLY B 171 3.46 -9.74 20.12
C GLY B 171 3.76 -9.86 18.64
N PHE B 172 3.23 -10.92 17.98
CA PHE B 172 3.41 -11.16 16.55
C PHE B 172 2.92 -9.97 15.72
N LYS B 173 1.71 -9.46 16.04
CA LYS B 173 1.09 -8.31 15.40
C LYS B 173 2.01 -7.07 15.44
N GLN B 174 2.64 -6.82 16.62
CA GLN B 174 3.57 -5.72 16.87
C GLN B 174 4.82 -5.84 15.99
N ILE B 175 5.42 -7.06 15.94
CA ILE B 175 6.60 -7.39 15.13
C ILE B 175 6.27 -7.21 13.65
N ARG B 176 5.12 -7.79 13.21
CA ARG B 176 4.64 -7.69 11.84
C ARG B 176 4.48 -6.23 11.40
N GLN B 177 3.78 -5.40 12.21
CA GLN B 177 3.56 -3.98 11.93
C GLN B 177 4.90 -3.24 11.75
N GLY B 178 5.81 -3.46 12.71
CA GLY B 178 7.13 -2.85 12.73
C GLY B 178 7.95 -3.20 11.49
N MET B 179 8.05 -4.51 11.19
CA MET B 179 8.78 -5.04 10.03
C MET B 179 8.27 -4.43 8.73
N ILE B 180 6.94 -4.36 8.56
CA ILE B 180 6.27 -3.77 7.41
C ILE B 180 6.69 -2.32 7.23
N THR B 181 6.52 -1.50 8.30
CA THR B 181 6.92 -0.08 8.34
C THR B 181 8.36 0.10 7.87
N LEU B 182 9.29 -0.71 8.42
CA LEU B 182 10.72 -0.67 8.13
C LEU B 182 11.07 -1.08 6.70
N ILE B 183 10.54 -2.22 6.21
CA ILE B 183 10.81 -2.72 4.85
C ILE B 183 10.29 -1.70 3.81
N LEU B 184 9.11 -1.10 4.06
CA LEU B 184 8.56 -0.08 3.16
C LEU B 184 9.34 1.22 3.21
N ALA B 185 9.96 1.54 4.38
CA ALA B 185 10.77 2.74 4.58
C ALA B 185 12.08 2.73 3.76
N THR B 186 12.44 1.57 3.18
CA THR B 186 13.67 1.43 2.38
C THR B 186 13.57 2.06 0.98
N ASP B 187 12.33 2.31 0.45
CA ASP B 187 12.11 2.92 -0.88
C ASP B 187 12.73 4.32 -0.90
N MET B 188 13.72 4.51 -1.79
CA MET B 188 14.45 5.77 -1.95
C MET B 188 13.60 6.95 -2.42
N ALA B 189 12.39 6.64 -2.93
CA ALA B 189 11.41 7.64 -3.36
C ALA B 189 10.91 8.40 -2.13
N ARG B 190 10.95 7.74 -0.96
CA ARG B 190 10.51 8.27 0.32
C ARG B 190 11.65 8.87 1.17
N HIS B 191 12.92 8.79 0.70
CA HIS B 191 14.10 9.30 1.42
C HIS B 191 13.92 10.71 1.97
N ALA B 192 13.65 11.68 1.07
CA ALA B 192 13.44 13.09 1.43
C ALA B 192 12.35 13.27 2.48
N GLU B 193 11.20 12.57 2.29
CA GLU B 193 10.03 12.55 3.17
C GLU B 193 10.42 12.05 4.58
N ILE B 194 11.01 10.84 4.68
CA ILE B 194 11.44 10.20 5.92
C ILE B 194 12.49 11.06 6.67
N MET B 195 13.46 11.60 5.91
CA MET B 195 14.51 12.47 6.44
C MET B 195 13.92 13.72 7.09
N ASP B 196 12.97 14.39 6.39
CA ASP B 196 12.29 15.59 6.87
C ASP B 196 11.48 15.31 8.12
N SER B 197 10.79 14.14 8.15
CA SER B 197 9.98 13.69 9.28
C SER B 197 10.85 13.47 10.53
N PHE B 198 12.03 12.84 10.35
CA PHE B 198 12.98 12.57 11.42
C PHE B 198 13.63 13.84 11.95
N LYS B 199 14.03 14.75 11.04
CA LYS B 199 14.65 16.04 11.38
C LYS B 199 13.68 16.95 12.15
N GLU B 200 12.36 16.75 11.94
CA GLU B 200 11.28 17.47 12.61
C GLU B 200 11.21 17.00 14.07
N LYS B 201 11.29 15.66 14.29
CA LYS B 201 11.27 15.03 15.62
C LYS B 201 12.59 15.30 16.35
N MET B 202 13.65 15.59 15.59
CA MET B 202 15.00 15.88 16.09
C MET B 202 15.08 17.13 16.93
N GLU B 203 14.22 18.13 16.64
CA GLU B 203 14.09 19.42 17.34
C GLU B 203 14.07 19.25 18.88
N ASN B 204 13.47 18.13 19.34
CA ASN B 204 13.37 17.70 20.74
C ASN B 204 13.03 16.19 20.76
N PHE B 205 14.05 15.33 20.51
CA PHE B 205 13.86 13.88 20.45
C PHE B 205 13.53 13.27 21.80
N ASP B 206 12.53 12.38 21.80
CA ASP B 206 12.04 11.69 22.99
C ASP B 206 12.01 10.17 22.76
N TYR B 207 12.92 9.43 23.44
CA TYR B 207 13.02 7.98 23.34
C TYR B 207 11.78 7.23 23.88
N SER B 208 10.94 7.92 24.67
CA SER B 208 9.71 7.33 25.21
C SER B 208 8.52 7.48 24.24
N ASN B 209 8.66 8.31 23.17
CA ASN B 209 7.61 8.49 22.17
C ASN B 209 7.74 7.48 21.04
N GLU B 210 6.66 6.70 20.83
CA GLU B 210 6.53 5.66 19.80
C GLU B 210 6.78 6.19 18.40
N GLU B 211 6.21 7.38 18.06
CA GLU B 211 6.36 8.04 16.76
C GLU B 211 7.82 8.36 16.47
N HIS B 212 8.53 8.87 17.49
CA HIS B 212 9.95 9.22 17.43
C HIS B 212 10.80 7.96 17.18
N MET B 213 10.54 6.89 17.98
CA MET B 213 11.26 5.61 17.89
C MET B 213 11.07 4.91 16.56
N THR B 214 9.85 4.98 15.99
CA THR B 214 9.52 4.40 14.69
C THR B 214 10.37 5.06 13.61
N LEU B 215 10.42 6.42 13.62
CA LEU B 215 11.23 7.19 12.67
C LEU B 215 12.72 6.91 12.83
N LEU B 216 13.19 6.71 14.09
CA LEU B 216 14.59 6.37 14.35
C LEU B 216 14.91 4.99 13.74
N LYS B 217 14.04 3.99 13.99
CA LYS B 217 14.18 2.63 13.44
C LYS B 217 14.22 2.68 11.91
N MET B 218 13.33 3.50 11.29
CA MET B 218 13.26 3.72 9.85
C MET B 218 14.59 4.27 9.33
N ILE B 219 15.13 5.28 10.01
CA ILE B 219 16.41 5.92 9.70
C ILE B 219 17.57 4.91 9.83
N LEU B 220 17.51 4.02 10.86
CA LEU B 220 18.51 3.00 11.11
C LEU B 220 18.56 1.95 9.98
N ILE B 221 17.39 1.41 9.57
CA ILE B 221 17.34 0.44 8.46
C ILE B 221 17.84 1.09 7.16
N LYS B 222 17.45 2.36 6.94
CA LYS B 222 17.87 3.16 5.79
C LYS B 222 19.39 3.32 5.78
N CYS B 223 19.99 3.58 6.97
CA CYS B 223 21.43 3.72 7.15
C CYS B 223 22.17 2.45 6.72
N CYS B 224 21.71 1.29 7.20
CA CYS B 224 22.29 -0.03 6.90
C CYS B 224 22.10 -0.43 5.44
N ASP B 225 20.97 -0.02 4.83
CA ASP B 225 20.60 -0.34 3.44
C ASP B 225 21.59 0.24 2.43
N ILE B 226 22.13 1.44 2.71
CA ILE B 226 23.06 2.17 1.82
C ILE B 226 24.49 2.35 2.41
N SER B 227 24.76 1.68 3.55
CA SER B 227 26.01 1.71 4.33
C SER B 227 27.28 1.16 3.68
N ASN B 228 27.25 0.77 2.38
CA ASN B 228 28.43 0.20 1.71
C ASN B 228 29.69 1.07 1.82
N GLU B 229 29.58 2.39 1.59
CA GLU B 229 30.72 3.32 1.66
C GLU B 229 31.32 3.53 3.06
N VAL B 230 30.55 3.20 4.12
CA VAL B 230 30.95 3.27 5.54
C VAL B 230 32.06 2.22 5.84
N ARG B 231 31.98 1.06 5.16
CA ARG B 231 32.91 -0.07 5.26
C ARG B 231 34.29 0.31 4.71
N PRO B 232 35.40 -0.39 5.09
CA PRO B 232 36.73 -0.04 4.53
C PRO B 232 36.75 -0.02 3.01
N MET B 233 37.55 0.90 2.45
CA MET B 233 37.70 1.16 1.02
C MET B 233 37.71 -0.10 0.13
N GLU B 234 38.51 -1.12 0.54
CA GLU B 234 38.70 -2.39 -0.16
C GLU B 234 37.42 -3.26 -0.20
N VAL B 235 36.54 -3.09 0.82
CA VAL B 235 35.27 -3.82 0.98
C VAL B 235 34.13 -3.07 0.26
N ALA B 236 34.13 -1.71 0.36
CA ALA B 236 33.14 -0.80 -0.20
C ALA B 236 33.13 -0.75 -1.74
N GLU B 237 34.32 -0.59 -2.36
CA GLU B 237 34.52 -0.46 -3.80
C GLU B 237 33.86 -1.54 -4.70
N PRO B 238 34.04 -2.88 -4.45
CA PRO B 238 33.42 -3.87 -5.36
C PRO B 238 31.90 -3.76 -5.52
N TRP B 239 31.20 -3.21 -4.51
CA TRP B 239 29.75 -2.99 -4.51
C TRP B 239 29.28 -1.96 -5.53
N VAL B 240 30.13 -0.95 -5.84
CA VAL B 240 29.82 0.10 -6.81
C VAL B 240 29.76 -0.49 -8.21
N ASP B 241 30.69 -1.43 -8.52
CA ASP B 241 30.73 -2.13 -9.79
C ASP B 241 29.54 -3.07 -9.92
N CYS B 242 29.09 -3.62 -8.76
CA CYS B 242 27.92 -4.51 -8.64
C CYS B 242 26.65 -3.76 -9.02
N LEU B 243 26.44 -2.57 -8.40
CA LEU B 243 25.27 -1.73 -8.65
C LEU B 243 25.21 -1.25 -10.10
N LEU B 244 26.36 -0.81 -10.66
CA LEU B 244 26.43 -0.36 -12.05
C LEU B 244 26.02 -1.48 -13.01
N GLU B 245 26.45 -2.73 -12.72
CA GLU B 245 26.12 -3.91 -13.53
C GLU B 245 24.60 -4.14 -13.59
N GLU B 246 23.94 -4.04 -12.42
CA GLU B 246 22.49 -4.21 -12.27
C GLU B 246 21.73 -3.05 -12.93
N TYR B 247 22.24 -1.81 -12.77
CA TYR B 247 21.65 -0.60 -13.35
C TYR B 247 21.73 -0.62 -14.88
N PHE B 248 22.89 -1.05 -15.44
CA PHE B 248 23.11 -1.16 -16.89
C PHE B 248 22.27 -2.27 -17.50
N MET B 249 21.93 -3.30 -16.70
CA MET B 249 21.07 -4.42 -17.10
C MET B 249 19.67 -3.87 -17.38
N GLN B 250 19.23 -2.93 -16.52
CA GLN B 250 17.94 -2.26 -16.59
C GLN B 250 17.90 -1.24 -17.72
N SER B 251 18.89 -0.32 -17.77
CA SER B 251 18.97 0.72 -18.80
C SER B 251 19.00 0.13 -20.22
N ASP B 252 19.67 -1.04 -20.42
CA ASP B 252 19.73 -1.75 -21.70
C ASP B 252 18.34 -2.28 -22.05
N ARG B 253 17.64 -2.91 -21.07
CA ARG B 253 16.28 -3.44 -21.22
C ARG B 253 15.30 -2.30 -21.54
N GLU B 254 15.43 -1.17 -20.80
CA GLU B 254 14.61 0.04 -20.97
C GLU B 254 14.79 0.62 -22.37
N LYS B 255 16.05 0.62 -22.88
CA LYS B 255 16.38 1.08 -24.23
C LYS B 255 15.76 0.15 -25.28
N SER B 256 15.89 -1.18 -25.06
CA SER B 256 15.35 -2.22 -25.93
C SER B 256 13.82 -2.19 -26.02
N GLU B 257 13.16 -1.95 -24.87
CA GLU B 257 11.70 -1.91 -24.73
C GLU B 257 11.10 -0.55 -25.12
N GLY B 258 11.94 0.45 -25.32
CA GLY B 258 11.53 1.81 -25.68
C GLY B 258 11.04 2.65 -24.53
N LEU B 259 11.35 2.21 -23.30
CA LEU B 259 10.98 2.89 -22.06
C LEU B 259 12.03 3.95 -21.69
N PRO B 260 11.66 5.01 -20.91
CA PRO B 260 12.67 6.04 -20.56
C PRO B 260 13.83 5.48 -19.71
N VAL B 261 15.04 6.01 -19.93
CA VAL B 261 16.25 5.59 -19.22
C VAL B 261 16.70 6.65 -18.22
N ALA B 262 16.91 6.24 -16.95
CA ALA B 262 17.37 7.11 -15.86
C ALA B 262 18.81 7.56 -16.15
N PRO B 263 19.13 8.88 -16.07
CA PRO B 263 20.51 9.32 -16.38
C PRO B 263 21.59 8.63 -15.53
N PHE B 264 21.31 8.37 -14.24
CA PHE B 264 22.24 7.68 -13.33
C PHE B 264 22.41 6.19 -13.67
N MET B 265 21.69 5.70 -14.69
CA MET B 265 21.77 4.33 -15.18
C MET B 265 22.24 4.31 -16.65
N ASP B 266 22.26 5.50 -17.32
CA ASP B 266 22.70 5.63 -18.71
C ASP B 266 24.22 5.56 -18.77
N ARG B 267 24.78 4.50 -19.40
CA ARG B 267 26.23 4.31 -19.51
C ARG B 267 27.00 5.46 -20.17
N ASP B 268 26.33 6.22 -21.05
CA ASP B 268 26.89 7.38 -21.72
C ASP B 268 26.95 8.59 -20.77
N LYS B 269 26.22 8.53 -19.62
CA LYS B 269 26.12 9.60 -18.63
C LYS B 269 26.83 9.29 -17.29
N VAL B 270 26.62 8.09 -16.71
CA VAL B 270 27.26 7.72 -15.42
C VAL B 270 28.76 7.53 -15.46
N THR B 271 29.39 7.90 -14.34
CA THR B 271 30.81 7.75 -14.03
C THR B 271 30.80 7.22 -12.60
N LYS B 272 31.58 6.16 -12.32
CA LYS B 272 31.69 5.53 -11.00
C LYS B 272 31.95 6.60 -9.90
N ALA B 273 32.85 7.56 -10.19
CA ALA B 273 33.23 8.66 -9.30
C ALA B 273 32.08 9.66 -9.09
N THR B 274 31.59 10.32 -10.19
CA THR B 274 30.50 11.33 -10.16
C THR B 274 29.26 10.84 -9.42
N ALA B 275 28.88 9.56 -9.62
CA ALA B 275 27.74 8.92 -8.98
C ALA B 275 27.95 8.84 -7.46
N GLN B 276 29.15 8.38 -7.04
CA GLN B 276 29.49 8.27 -5.63
C GLN B 276 29.69 9.61 -4.95
N ILE B 277 30.32 10.60 -5.63
CA ILE B 277 30.50 11.94 -5.07
C ILE B 277 29.14 12.50 -4.65
N GLY B 278 28.18 12.47 -5.56
CA GLY B 278 26.82 12.93 -5.33
C GLY B 278 26.08 12.17 -4.24
N PHE B 279 26.17 10.83 -4.28
CA PHE B 279 25.52 9.96 -3.30
C PHE B 279 26.06 10.14 -1.89
N ILE B 280 27.39 10.17 -1.74
CA ILE B 280 28.04 10.35 -0.44
C ILE B 280 27.72 11.75 0.14
N LYS B 281 27.99 12.82 -0.63
CA LYS B 281 27.76 14.22 -0.25
C LYS B 281 26.32 14.55 0.12
N PHE B 282 25.36 14.15 -0.72
CA PHE B 282 23.97 14.54 -0.58
C PHE B 282 22.95 13.53 -0.02
N VAL B 283 23.34 12.25 0.08
CA VAL B 283 22.44 11.22 0.62
C VAL B 283 23.05 10.60 1.88
N LEU B 284 24.26 10.01 1.75
CA LEU B 284 24.95 9.33 2.84
C LEU B 284 25.39 10.21 4.00
N ILE B 285 26.20 11.25 3.74
CA ILE B 285 26.70 12.17 4.78
C ILE B 285 25.56 12.86 5.57
N PRO B 286 24.54 13.51 4.93
CA PRO B 286 23.49 14.18 5.72
C PRO B 286 22.69 13.26 6.65
N MET B 287 22.44 12.02 6.20
CA MET B 287 21.70 11.03 6.97
C MET B 287 22.47 10.60 8.22
N PHE B 288 23.76 10.27 8.08
CA PHE B 288 24.60 9.87 9.21
C PHE B 288 24.90 11.03 10.15
N GLU B 289 24.85 12.29 9.63
CA GLU B 289 25.04 13.50 10.42
C GLU B 289 23.95 13.64 11.48
N THR B 290 22.69 13.34 11.10
CA THR B 290 21.54 13.41 12.02
C THR B 290 21.55 12.28 13.06
N VAL B 291 22.09 11.09 12.69
CA VAL B 291 22.20 9.94 13.59
C VAL B 291 23.22 10.27 14.70
N THR B 292 24.31 10.97 14.31
CA THR B 292 25.39 11.43 15.19
C THR B 292 24.88 12.35 16.29
N LYS B 293 23.77 13.08 16.03
CA LYS B 293 23.13 13.96 17.00
C LYS B 293 22.69 13.15 18.22
N LEU B 294 22.15 11.92 17.98
CA LEU B 294 21.74 10.97 19.02
C LEU B 294 22.91 10.13 19.50
N PHE B 295 23.77 9.67 18.56
CA PHE B 295 24.89 8.80 18.86
C PHE B 295 26.23 9.41 18.38
N PRO B 296 26.93 10.16 19.26
CA PRO B 296 28.19 10.83 18.85
C PRO B 296 29.29 9.91 18.32
N MET B 297 29.34 8.64 18.80
CA MET B 297 30.30 7.63 18.40
C MET B 297 30.27 7.28 16.90
N VAL B 298 29.13 7.57 16.22
CA VAL B 298 28.91 7.33 14.79
C VAL B 298 29.86 8.19 13.91
N GLU B 299 30.23 9.40 14.38
CA GLU B 299 31.13 10.30 13.65
C GLU B 299 32.48 9.67 13.35
N GLU B 300 33.19 9.22 14.40
CA GLU B 300 34.53 8.65 14.28
C GLU B 300 34.54 7.33 13.50
N ILE B 301 33.52 6.50 13.71
CA ILE B 301 33.40 5.17 13.11
C ILE B 301 32.80 5.15 11.70
N MET B 302 31.77 5.98 11.44
CA MET B 302 31.05 5.97 10.17
C MET B 302 31.11 7.22 9.31
N LEU B 303 31.26 8.42 9.91
CA LEU B 303 31.37 9.64 9.11
C LEU B 303 32.77 9.80 8.54
N GLN B 304 33.81 9.47 9.35
CA GLN B 304 35.21 9.53 8.94
C GLN B 304 35.46 8.73 7.65
N PRO B 305 35.06 7.42 7.54
CA PRO B 305 35.27 6.71 6.27
C PRO B 305 34.48 7.29 5.09
N LEU B 306 33.30 7.91 5.36
CA LEU B 306 32.48 8.55 4.35
C LEU B 306 33.16 9.82 3.82
N TRP B 307 33.87 10.56 4.70
CA TRP B 307 34.61 11.76 4.31
C TRP B 307 35.80 11.35 3.46
N GLU B 308 36.50 10.28 3.89
CA GLU B 308 37.66 9.69 3.21
C GLU B 308 37.27 9.25 1.79
N SER B 309 36.09 8.58 1.67
CA SER B 309 35.55 8.09 0.41
C SER B 309 35.18 9.25 -0.51
N ARG B 310 34.51 10.29 0.05
CA ARG B 310 34.11 11.49 -0.69
C ARG B 310 35.34 12.13 -1.32
N ASP B 311 36.38 12.37 -0.50
CA ASP B 311 37.63 12.96 -0.94
C ASP B 311 38.36 12.10 -1.97
N ARG B 312 38.34 10.76 -1.78
CA ARG B 312 38.98 9.80 -2.68
C ARG B 312 38.35 9.84 -4.08
N TYR B 313 36.99 9.78 -4.15
CA TYR B 313 36.27 9.83 -5.43
C TYR B 313 36.38 11.20 -6.13
N GLU B 314 36.52 12.29 -5.34
CA GLU B 314 36.67 13.64 -5.89
C GLU B 314 38.00 13.76 -6.61
N GLU B 315 39.09 13.21 -6.00
CA GLU B 315 40.43 13.19 -6.59
C GLU B 315 40.43 12.25 -7.80
N LEU B 316 39.67 11.13 -7.74
CA LEU B 316 39.54 10.18 -8.83
C LEU B 316 38.87 10.84 -10.04
N LYS B 317 37.87 11.72 -9.79
CA LYS B 317 37.14 12.49 -10.81
C LYS B 317 38.07 13.54 -11.42
N ARG B 318 38.94 14.16 -10.59
CA ARG B 318 39.92 15.16 -11.01
C ARG B 318 40.85 14.52 -12.05
N ILE B 319 41.24 13.24 -11.82
CA ILE B 319 42.09 12.42 -12.68
C ILE B 319 41.33 12.10 -13.99
N ASP B 320 40.06 11.67 -13.89
CA ASP B 320 39.20 11.38 -15.03
C ASP B 320 39.11 12.58 -15.98
N ASP B 321 38.79 13.79 -15.43
CA ASP B 321 38.69 15.06 -16.16
C ASP B 321 40.00 15.41 -16.87
N ALA B 322 41.14 15.23 -16.16
CA ALA B 322 42.49 15.49 -16.67
C ALA B 322 42.83 14.60 -17.86
N MET B 323 42.32 13.35 -17.86
CA MET B 323 42.49 12.37 -18.94
C MET B 323 41.66 12.78 -20.14
N LYS B 324 40.35 13.05 -19.92
CA LYS B 324 39.40 13.50 -20.93
C LYS B 324 39.87 14.79 -21.63
N GLU B 325 40.45 15.74 -20.86
CA GLU B 325 40.99 16.99 -21.41
C GLU B 325 42.29 16.74 -22.19
N LEU B 326 43.11 15.76 -21.74
CA LEU B 326 44.37 15.40 -22.39
C LEU B 326 44.13 14.86 -23.82
N GLN B 327 43.11 13.98 -23.98
CA GLN B 327 42.76 13.37 -25.25
C GLN B 327 41.96 14.30 -26.18
N LYS B 328 40.73 14.67 -25.77
CA LYS B 328 39.83 15.55 -26.53
C LYS B 328 40.30 17.00 -26.47
#